data_3OGR
#
_entry.id   3OGR
#
_cell.length_a   67.430
_cell.length_b   69.280
_cell.length_c   81.500
_cell.angle_alpha   109.03
_cell.angle_beta   97.34
_cell.angle_gamma   114.38
#
_symmetry.space_group_name_H-M   'P 1'
#
loop_
_entity.id
_entity.type
_entity.pdbx_description
1 polymer Beta-galactosidase
2 branched alpha-D-mannopyranose-(1-2)-alpha-D-mannopyranose-(1-3)-alpha-D-mannopyranose-(1-6)-[alpha-D-mannopyranose-(1-3)]beta-D-mannopyranose-(1-4)-2-acetamido-2-deoxy-beta-D-glucopyranose-(1-4)-2-acetamido-2-deoxy-beta-D-glucopyranose
3 branched alpha-D-glucopyranose-(1-3)-alpha-D-mannopyranose-(1-2)-alpha-D-mannopyranose-(1-2)-alpha-D-mannopyranose-(1-3)-[alpha-D-mannopyranose-(1-3)-[alpha-D-mannopyranose-(1-6)]alpha-D-mannopyranose-(1-6)]beta-D-mannopyranose-(1-4)-2-acetamido-2-deoxy-beta-D-glucopyranose-(1-4)-2-acetamido-2-deoxy-beta-D-glucopyranose
4 branched 2-acetamido-2-deoxy-beta-D-glucopyranose-(1-4)-2-acetamido-2-deoxy-beta-D-glucopyranose
5 non-polymer beta-D-galactopyranose
6 non-polymer 2-acetamido-2-deoxy-beta-D-glucopyranose
7 water water
#
_entity_poly.entity_id   1
_entity_poly.type   'polypeptide(L)'
_entity_poly.pdbx_seq_one_letter_code
;TSIGLHGGRPRDIILDDAKGPLQNIVTWDEHSLFVHGERVVIFSGEVHPFRLPVPSLYLDVFHKIKALGFNTVSFYVDWA
LLEGKPGRFRADGIFSLEPFFEAATKAGIYLLARPGPYINAEVSGGGFPGWLQRVKGKLRTDAPDYLHATDNYVAHIASI
IAKAQITNGGPVILYQPENEYSGAAEGVLFPNKPYMQYVIDQARNAGIIVPLINNDAFPGGTGAPGTGLGSVDIYGHDGY
PLGFDCAHPSAWPDNGLPTTWRQDHLNISPSTPFSLVEFQGGAFDPFGGWGFEQCSALVNHEFERVFYKNNMAAGVTIFN
IYMTFGGTNWGNLGHPGGYTSYDYGASIREDRRIDREKYSELKLQGQFLKVSPGYITATPENATQGVYSDSQNIVITPLL
AKESGDFFVVRHANYSSTDTASYTVKLPTSAGDLTIPQLGGSLTLTGRDSKIHVTDYPVGKFTLLYSTAEIFTWNEFAEK
TVLVLYGGAQELHEFAVKNPFGSSKTAKAKKIEGSNVTIHTTSNLTVVLQWTASSARQVVQLGSLVIYMVDRNSAYNYWV
PTLPGSGKQSAYGSSLMNPDSVIINGGYLIRSVAIKGNALSVQADFNVTTPLEIIGIPKGISKLAVNGKELGYSVSELGD
WIAHPAIEIPHVQVPELTKLKWYKVDSLPEIRSNYDDSRWPLANLRTSNNTYAPLKTPVSLYGSDYGFHAGTLLFRGRFT
ARTARQQLFLSTQGGSAFASSVWLNDRFIGSFTGFDAASAANSSYTLDRLVRGRRYILTVVVDSTGLDENWTTGDDSMKA
PRGILDYALTSSSGANVSISWKLTGNLGGEDYRDVFRGPLNEGGLFFERQGFHLPSPPLSDFTHGPSSSSSSSSPLDGIA
HAGIAFYAAKLPLHLPAQEYDIPLSFVFDNATAAAPYRALLYVNGFQYGKYVSNIGPQTEFPVPEGILDYNGDNWIGVAL
WALESRGAKVPGLALKSKSPILTGRERVEVVKGPHFKKRHGAY
;
_entity_poly.pdbx_strand_id   A
#
loop_
_chem_comp.id
_chem_comp.type
_chem_comp.name
_chem_comp.formula
BMA D-saccharide, beta linking beta-D-mannopyranose 'C6 H12 O6'
GAL D-saccharide, beta linking beta-D-galactopyranose 'C6 H12 O6'
GLC D-saccharide, alpha linking alpha-D-glucopyranose 'C6 H12 O6'
MAN D-saccharide, alpha linking alpha-D-mannopyranose 'C6 H12 O6'
NAG D-saccharide, beta linking 2-acetamido-2-deoxy-beta-D-glucopyranose 'C8 H15 N O6'
#
# COMPACT_ATOMS: atom_id res chain seq x y z
N ALA A 18 11.45 18.76 -21.83
CA ALA A 18 10.00 18.52 -22.31
C ALA A 18 9.82 19.06 -23.74
N LYS A 19 9.52 18.18 -24.71
CA LYS A 19 9.39 18.53 -26.11
C LYS A 19 8.28 17.62 -26.68
N GLY A 20 7.23 17.39 -25.88
CA GLY A 20 6.02 16.79 -26.44
C GLY A 20 6.04 15.28 -26.34
N PRO A 21 4.99 14.61 -26.81
CA PRO A 21 4.91 13.14 -26.76
C PRO A 21 5.90 12.50 -27.74
N LEU A 22 6.45 11.35 -27.37
CA LEU A 22 7.36 10.60 -28.28
C LEU A 22 6.65 9.49 -29.01
N GLN A 23 5.32 9.36 -28.81
CA GLN A 23 4.54 8.28 -29.38
C GLN A 23 3.11 8.85 -29.33
N ASN A 24 2.20 8.25 -30.06
CA ASN A 24 0.87 8.88 -30.09
C ASN A 24 -0.24 8.05 -29.41
N ILE A 25 0.19 7.03 -28.53
N ILE A 25 0.15 6.99 -28.55
CA ILE A 25 -0.71 6.18 -27.78
CA ILE A 25 -0.85 6.25 -27.80
C ILE A 25 -1.20 6.81 -26.55
C ILE A 25 -1.25 7.04 -26.61
N VAL A 26 -0.21 7.48 -25.80
CA VAL A 26 -0.53 8.20 -24.56
C VAL A 26 -0.11 9.66 -24.78
N THR A 27 -1.09 10.53 -24.83
CA THR A 27 -0.79 11.96 -25.04
C THR A 27 -1.59 12.79 -24.03
N TRP A 28 -1.52 14.11 -24.07
CA TRP A 28 -2.16 14.89 -23.04
C TRP A 28 -2.38 16.32 -23.52
N ASP A 29 -3.30 17.00 -22.84
CA ASP A 29 -3.41 18.42 -22.99
C ASP A 29 -3.73 19.10 -21.67
N GLU A 30 -4.18 20.36 -21.67
CA GLU A 30 -4.49 21.03 -20.42
C GLU A 30 -5.45 20.25 -19.55
N HIS A 31 -6.35 19.47 -20.20
CA HIS A 31 -7.50 18.90 -19.44
C HIS A 31 -7.27 17.51 -19.00
N SER A 32 -6.59 16.68 -19.81
CA SER A 32 -6.49 15.26 -19.40
C SER A 32 -5.44 14.56 -20.21
N LEU A 33 -5.09 13.35 -19.76
CA LEU A 33 -4.47 12.36 -20.59
C LEU A 33 -5.41 11.87 -21.68
N PHE A 34 -4.85 11.38 -22.80
CA PHE A 34 -5.62 10.66 -23.81
C PHE A 34 -4.90 9.31 -23.91
N VAL A 35 -5.66 8.21 -23.98
CA VAL A 35 -5.07 6.86 -24.16
C VAL A 35 -5.78 6.30 -25.40
N HIS A 36 -4.97 6.00 -26.44
CA HIS A 36 -5.53 5.58 -27.73
C HIS A 36 -6.52 6.65 -28.25
N GLY A 37 -6.21 7.95 -27.99
CA GLY A 37 -7.06 9.00 -28.49
C GLY A 37 -8.34 9.29 -27.71
N GLU A 38 -8.55 8.56 -26.59
CA GLU A 38 -9.73 8.76 -25.81
C GLU A 38 -9.36 9.56 -24.55
N ARG A 39 -10.05 10.68 -24.27
CA ARG A 39 -9.83 11.42 -23.04
C ARG A 39 -10.23 10.50 -21.91
N VAL A 40 -9.46 10.52 -20.74
N VAL A 40 -9.44 10.53 -20.74
CA VAL A 40 -9.85 9.67 -19.59
CA VAL A 40 -9.83 9.73 -19.58
C VAL A 40 -9.37 10.30 -18.39
C VAL A 40 -9.51 10.50 -18.41
N VAL A 41 -10.18 10.11 -17.27
CA VAL A 41 -9.73 10.46 -15.92
C VAL A 41 -8.94 9.27 -15.42
N ILE A 42 -7.64 9.45 -15.19
CA ILE A 42 -6.82 8.42 -14.61
C ILE A 42 -7.07 8.41 -13.10
N PHE A 43 -7.62 7.28 -12.62
CA PHE A 43 -7.91 7.17 -11.17
C PHE A 43 -7.20 5.85 -10.80
N SER A 44 -6.16 6.03 -10.00
CA SER A 44 -5.13 4.99 -9.81
C SER A 44 -4.97 4.67 -8.32
N GLY A 45 -4.56 3.43 -8.06
CA GLY A 45 -4.25 3.03 -6.71
C GLY A 45 -2.83 2.56 -6.60
N GLU A 46 -2.16 2.89 -5.49
CA GLU A 46 -0.79 2.45 -5.29
C GLU A 46 -0.73 1.00 -4.76
N VAL A 47 0.16 0.20 -5.36
CA VAL A 47 0.40 -1.20 -5.00
C VAL A 47 1.88 -1.41 -5.19
N HIS A 48 2.54 -2.06 -4.24
CA HIS A 48 3.99 -2.29 -4.35
C HIS A 48 4.24 -3.81 -4.51
N PRO A 49 4.64 -4.23 -5.72
CA PRO A 49 4.74 -5.70 -5.96
C PRO A 49 5.69 -6.37 -4.97
N PHE A 50 6.73 -5.64 -4.49
CA PHE A 50 7.69 -6.31 -3.61
C PHE A 50 7.19 -6.52 -2.21
N ARG A 51 6.05 -5.96 -1.90
CA ARG A 51 5.42 -6.14 -0.58
C ARG A 51 4.38 -7.26 -0.59
N LEU A 52 4.28 -8.00 -1.70
CA LEU A 52 3.37 -9.19 -1.79
C LEU A 52 4.09 -10.20 -2.67
N PRO A 53 4.95 -11.00 -2.05
CA PRO A 53 5.80 -11.98 -2.83
C PRO A 53 5.01 -13.25 -3.11
N VAL A 54 3.81 -13.08 -3.67
CA VAL A 54 2.96 -14.24 -4.08
C VAL A 54 2.43 -13.82 -5.44
N PRO A 55 3.10 -14.26 -6.50
CA PRO A 55 2.78 -13.76 -7.88
C PRO A 55 1.30 -13.99 -8.20
N SER A 56 0.75 -15.14 -7.77
CA SER A 56 -0.64 -15.46 -8.14
C SER A 56 -1.70 -14.65 -7.41
N LEU A 57 -1.28 -13.84 -6.45
CA LEU A 57 -2.22 -12.92 -5.78
C LEU A 57 -2.27 -11.51 -6.35
N TYR A 58 -1.37 -11.16 -7.28
CA TYR A 58 -1.50 -9.80 -7.87
C TYR A 58 -2.84 -9.63 -8.55
N LEU A 59 -3.33 -10.63 -9.25
CA LEU A 59 -4.63 -10.47 -9.95
C LEU A 59 -5.73 -10.24 -8.88
N ASP A 60 -5.62 -10.88 -7.71
CA ASP A 60 -6.61 -10.62 -6.63
C ASP A 60 -6.68 -9.12 -6.27
N VAL A 61 -5.52 -8.50 -6.02
CA VAL A 61 -5.44 -7.07 -5.75
C VAL A 61 -5.95 -6.25 -6.91
N PHE A 62 -5.52 -6.65 -8.18
N PHE A 62 -5.56 -6.65 -8.20
CA PHE A 62 -6.02 -5.81 -9.37
CA PHE A 62 -6.05 -5.76 -9.35
C PHE A 62 -7.53 -5.93 -9.51
C PHE A 62 -7.55 -5.93 -9.58
N HIS A 63 -8.13 -7.16 -9.26
CA HIS A 63 -9.60 -7.27 -9.35
C HIS A 63 -10.27 -6.32 -8.35
N LYS A 64 -9.70 -6.24 -7.14
CA LYS A 64 -10.31 -5.41 -6.11
C LYS A 64 -10.17 -3.91 -6.43
N ILE A 65 -9.07 -3.52 -7.11
CA ILE A 65 -8.89 -2.13 -7.53
C ILE A 65 -9.73 -1.79 -8.75
N LYS A 66 -9.78 -2.70 -9.71
CA LYS A 66 -10.62 -2.49 -10.90
C LYS A 66 -12.09 -2.29 -10.51
N ALA A 67 -12.54 -3.04 -9.46
CA ALA A 67 -13.96 -2.99 -9.07
C ALA A 67 -14.29 -1.64 -8.40
N LEU A 68 -13.28 -0.89 -7.90
CA LEU A 68 -13.52 0.50 -7.46
C LEU A 68 -13.92 1.42 -8.59
N GLY A 69 -13.72 1.00 -9.84
CA GLY A 69 -13.89 1.93 -10.98
C GLY A 69 -12.53 2.54 -11.35
N PHE A 70 -11.44 2.12 -10.70
CA PHE A 70 -10.12 2.66 -11.08
C PHE A 70 -9.66 2.03 -12.42
N ASN A 71 -8.75 2.74 -13.10
CA ASN A 71 -8.22 2.22 -14.36
C ASN A 71 -6.75 1.97 -14.32
N THR A 72 -6.08 2.35 -13.22
CA THR A 72 -4.62 2.34 -13.19
C THR A 72 -4.15 1.96 -11.80
N VAL A 73 -2.93 1.40 -11.79
CA VAL A 73 -2.18 1.15 -10.57
C VAL A 73 -0.84 1.81 -10.67
N SER A 74 -0.37 2.39 -9.56
CA SER A 74 0.98 3.02 -9.52
C SER A 74 1.83 2.15 -8.66
N PHE A 75 3.08 1.89 -9.07
CA PHE A 75 3.92 1.01 -8.27
C PHE A 75 5.35 1.52 -8.21
N TYR A 76 5.97 1.31 -7.06
CA TYR A 76 7.42 1.42 -6.91
C TYR A 76 8.13 0.14 -7.24
N VAL A 77 9.42 0.29 -7.58
CA VAL A 77 10.35 -0.85 -7.58
C VAL A 77 11.41 -0.55 -6.53
N ASP A 78 11.74 -1.58 -5.72
CA ASP A 78 12.73 -1.40 -4.64
C ASP A 78 14.11 -1.93 -5.09
N TRP A 79 14.99 -0.98 -5.48
CA TRP A 79 16.34 -1.32 -5.96
C TRP A 79 17.09 -2.24 -4.97
N ALA A 80 16.97 -1.99 -3.66
CA ALA A 80 17.75 -2.75 -2.68
C ALA A 80 17.42 -4.27 -2.77
N LEU A 81 16.20 -4.65 -3.24
CA LEU A 81 15.93 -6.08 -3.38
C LEU A 81 16.49 -6.70 -4.66
N LEU A 82 16.74 -5.84 -5.69
CA LEU A 82 17.09 -6.33 -7.05
C LEU A 82 18.57 -6.23 -7.34
N GLU A 83 19.32 -5.48 -6.52
CA GLU A 83 20.78 -5.45 -6.74
C GLU A 83 21.48 -5.47 -5.40
N GLY A 84 21.18 -6.51 -4.62
CA GLY A 84 21.81 -6.65 -3.32
C GLY A 84 23.33 -6.77 -3.40
N LYS A 85 23.84 -7.35 -4.52
CA LYS A 85 25.27 -7.31 -4.74
C LYS A 85 25.55 -6.36 -5.88
N PRO A 86 26.39 -5.36 -5.66
CA PRO A 86 26.64 -4.37 -6.73
C PRO A 86 27.12 -5.06 -7.99
N GLY A 87 26.51 -4.67 -9.07
CA GLY A 87 26.83 -5.28 -10.34
C GLY A 87 26.02 -6.50 -10.75
N ARG A 88 25.17 -7.00 -9.86
CA ARG A 88 24.42 -8.21 -10.12
C ARG A 88 22.93 -7.93 -9.95
N PHE A 89 22.31 -7.43 -11.02
CA PHE A 89 20.88 -7.22 -11.05
C PHE A 89 20.20 -8.55 -11.16
N ARG A 90 19.19 -8.78 -10.29
CA ARG A 90 18.43 -10.04 -10.33
C ARG A 90 17.01 -9.68 -10.03
N ALA A 91 16.09 -9.94 -10.96
CA ALA A 91 14.64 -9.76 -10.71
C ALA A 91 13.90 -10.99 -11.22
N ASP A 92 14.18 -12.10 -10.56
CA ASP A 92 13.62 -13.42 -10.94
C ASP A 92 12.70 -13.92 -9.88
N GLY A 93 11.89 -14.92 -10.23
CA GLY A 93 11.02 -15.51 -9.20
C GLY A 93 10.10 -14.50 -8.57
N ILE A 94 10.08 -14.47 -7.22
CA ILE A 94 9.16 -13.55 -6.53
C ILE A 94 9.54 -12.09 -6.78
N PHE A 95 10.74 -11.83 -7.31
CA PHE A 95 11.15 -10.45 -7.64
C PHE A 95 10.89 -10.05 -9.08
N SER A 96 10.43 -11.02 -9.90
CA SER A 96 10.08 -10.65 -11.28
C SER A 96 8.81 -9.76 -11.28
N LEU A 97 8.85 -8.75 -12.16
CA LEU A 97 7.64 -7.93 -12.40
C LEU A 97 6.72 -8.56 -13.43
N GLU A 98 7.19 -9.61 -14.13
CA GLU A 98 6.38 -10.13 -15.20
C GLU A 98 4.97 -10.56 -14.76
N PRO A 99 4.82 -11.27 -13.63
CA PRO A 99 3.45 -11.65 -13.23
C PRO A 99 2.60 -10.45 -12.82
N PHE A 100 3.26 -9.38 -12.38
CA PHE A 100 2.55 -8.15 -12.05
C PHE A 100 2.03 -7.48 -13.35
N PHE A 101 2.87 -7.38 -14.35
CA PHE A 101 2.40 -6.83 -15.68
C PHE A 101 1.32 -7.72 -16.30
N GLU A 102 1.51 -9.04 -16.20
CA GLU A 102 0.49 -9.97 -16.78
C GLU A 102 -0.84 -9.83 -16.07
N ALA A 103 -0.80 -9.67 -14.73
CA ALA A 103 -2.03 -9.50 -14.03
C ALA A 103 -2.73 -8.19 -14.36
N ALA A 104 -1.95 -7.11 -14.54
CA ALA A 104 -2.57 -5.83 -14.91
C ALA A 104 -3.27 -6.00 -16.27
N THR A 105 -2.62 -6.66 -17.23
CA THR A 105 -3.26 -6.86 -18.55
C THR A 105 -4.53 -7.73 -18.39
N LYS A 106 -4.46 -8.75 -17.54
CA LYS A 106 -5.61 -9.67 -17.39
C LYS A 106 -6.78 -8.95 -16.70
N ALA A 107 -6.49 -7.98 -15.80
CA ALA A 107 -7.55 -7.25 -15.10
C ALA A 107 -8.03 -6.05 -15.88
N GLY A 108 -7.32 -5.63 -16.94
CA GLY A 108 -7.67 -4.43 -17.66
C GLY A 108 -7.27 -3.18 -16.90
N ILE A 109 -6.06 -3.18 -16.34
CA ILE A 109 -5.55 -2.04 -15.55
C ILE A 109 -4.27 -1.55 -16.25
N TYR A 110 -4.10 -0.22 -16.33
CA TYR A 110 -2.86 0.37 -16.83
C TYR A 110 -1.94 0.67 -15.66
N LEU A 111 -0.66 0.93 -15.94
CA LEU A 111 0.31 1.11 -14.87
C LEU A 111 1.09 2.39 -15.00
N LEU A 112 1.36 2.99 -13.85
CA LEU A 112 2.34 4.10 -13.72
C LEU A 112 3.53 3.46 -13.00
N ALA A 113 4.68 3.37 -13.68
CA ALA A 113 5.87 2.75 -13.12
C ALA A 113 6.78 3.80 -12.44
N ARG A 114 7.17 3.55 -11.18
CA ARG A 114 7.95 4.51 -10.43
C ARG A 114 9.17 3.78 -9.86
N PRO A 115 10.19 3.56 -10.68
CA PRO A 115 11.29 2.70 -10.22
C PRO A 115 12.40 3.39 -9.45
N GLY A 116 12.27 4.69 -9.16
CA GLY A 116 13.33 5.36 -8.43
C GLY A 116 14.34 6.03 -9.35
N PRO A 117 15.63 5.80 -9.08
CA PRO A 117 16.19 4.83 -8.12
C PRO A 117 15.79 5.07 -6.67
N TYR A 118 15.62 6.33 -6.26
CA TYR A 118 15.20 6.58 -4.89
C TYR A 118 13.65 6.58 -4.87
N ILE A 119 13.09 5.82 -3.90
CA ILE A 119 11.59 5.73 -3.80
C ILE A 119 11.00 6.17 -2.46
N ASN A 120 11.83 6.24 -1.44
CA ASN A 120 11.40 6.60 -0.05
C ASN A 120 10.52 5.43 0.43
N ALA A 121 9.17 5.58 0.46
CA ALA A 121 8.27 4.40 0.53
C ALA A 121 8.24 3.66 1.82
N GLU A 122 8.85 4.24 2.84
CA GLU A 122 9.03 3.55 4.15
C GLU A 122 9.72 2.18 3.98
N VAL A 123 10.59 2.10 2.99
CA VAL A 123 11.43 0.88 2.84
C VAL A 123 12.86 1.19 3.29
N SER A 124 13.59 0.12 3.58
CA SER A 124 15.00 0.26 4.05
C SER A 124 15.78 1.04 3.00
N GLY A 125 16.46 2.08 3.49
CA GLY A 125 17.33 2.92 2.63
C GLY A 125 16.50 3.80 1.68
N GLY A 126 15.16 3.80 1.78
CA GLY A 126 14.34 4.47 0.78
C GLY A 126 14.57 3.89 -0.59
N GLY A 127 15.00 2.63 -0.64
CA GLY A 127 15.19 1.94 -1.94
C GLY A 127 16.71 1.75 -2.19
N PHE A 128 17.56 2.59 -1.60
CA PHE A 128 19.01 2.51 -1.85
C PHE A 128 19.58 1.26 -1.16
N PRO A 129 20.27 0.41 -1.91
CA PRO A 129 21.01 -0.74 -1.32
C PRO A 129 22.03 -0.24 -0.31
N GLY A 130 22.24 -1.06 0.74
CA GLY A 130 23.15 -0.57 1.80
C GLY A 130 24.59 -0.38 1.34
N TRP A 131 25.00 -0.99 0.21
CA TRP A 131 26.34 -0.72 -0.29
C TRP A 131 26.53 0.74 -0.75
N LEU A 132 25.46 1.51 -0.91
CA LEU A 132 25.61 2.99 -1.12
C LEU A 132 26.25 3.68 0.08
N GLN A 133 26.24 3.05 1.27
CA GLN A 133 26.99 3.66 2.40
C GLN A 133 28.46 3.74 2.10
N ARG A 134 28.97 2.92 1.15
CA ARG A 134 30.40 2.94 0.76
C ARG A 134 30.67 3.87 -0.43
N VAL A 135 29.63 4.64 -0.83
CA VAL A 135 29.79 5.60 -1.93
C VAL A 135 30.00 6.99 -1.29
N LYS A 136 31.19 7.60 -1.55
CA LYS A 136 31.52 8.84 -0.82
C LYS A 136 30.62 10.00 -1.15
N GLY A 137 30.22 10.08 -2.41
CA GLY A 137 29.54 11.32 -2.85
C GLY A 137 28.10 11.45 -2.33
N LYS A 138 27.57 12.65 -2.36
CA LYS A 138 26.19 12.89 -1.83
C LYS A 138 25.15 12.20 -2.71
N LEU A 139 24.26 11.48 -2.05
CA LEU A 139 23.25 10.73 -2.79
C LEU A 139 22.20 11.65 -3.37
N ARG A 140 21.66 11.27 -4.56
CA ARG A 140 20.61 12.05 -5.23
C ARG A 140 21.18 13.38 -5.76
N THR A 141 22.47 13.36 -6.10
CA THR A 141 23.15 14.53 -6.76
C THR A 141 23.88 13.99 -7.96
N ASP A 142 24.53 14.90 -8.67
CA ASP A 142 25.33 14.42 -9.80
C ASP A 142 26.77 14.11 -9.41
N ALA A 143 27.02 13.84 -8.10
CA ALA A 143 28.30 13.25 -7.75
C ALA A 143 28.40 11.97 -8.62
N PRO A 144 29.52 11.80 -9.34
CA PRO A 144 29.56 10.74 -10.34
C PRO A 144 29.63 9.35 -9.76
N ASP A 145 30.18 9.19 -8.52
CA ASP A 145 30.15 7.86 -7.93
C ASP A 145 28.74 7.43 -7.56
N TYR A 146 27.88 8.36 -7.15
CA TYR A 146 26.45 8.00 -6.91
C TYR A 146 25.81 7.78 -8.29
N LEU A 147 25.97 8.71 -9.24
CA LEU A 147 25.27 8.56 -10.52
C LEU A 147 25.61 7.22 -11.14
N HIS A 148 26.89 6.89 -11.22
CA HIS A 148 27.26 5.69 -11.89
C HIS A 148 26.86 4.48 -11.12
N ALA A 149 26.74 4.57 -9.79
CA ALA A 149 26.28 3.43 -8.99
C ALA A 149 24.83 3.08 -9.33
N THR A 150 24.05 4.03 -9.85
CA THR A 150 22.63 3.76 -10.23
C THR A 150 22.48 3.20 -11.65
N ASP A 151 23.52 3.30 -12.49
CA ASP A 151 23.38 3.02 -13.94
C ASP A 151 22.91 1.58 -14.22
N ASN A 152 23.49 0.58 -13.55
CA ASN A 152 23.19 -0.82 -13.87
C ASN A 152 21.71 -1.10 -13.52
N TYR A 153 21.30 -0.66 -12.35
CA TYR A 153 19.90 -0.85 -11.96
C TYR A 153 18.96 -0.18 -12.92
N VAL A 154 19.19 1.10 -13.29
CA VAL A 154 18.16 1.76 -14.10
C VAL A 154 18.16 1.15 -15.48
N ALA A 155 19.35 0.81 -16.03
CA ALA A 155 19.40 0.19 -17.39
C ALA A 155 18.58 -1.09 -17.39
N HIS A 156 18.68 -1.88 -16.31
CA HIS A 156 17.91 -3.13 -16.25
C HIS A 156 16.43 -2.89 -15.99
N ILE A 157 16.10 -2.11 -14.95
CA ILE A 157 14.68 -2.02 -14.61
C ILE A 157 13.90 -1.21 -15.64
N ALA A 158 14.52 -0.16 -16.20
CA ALA A 158 13.81 0.68 -17.18
C ALA A 158 13.63 -0.11 -18.50
N SER A 159 14.62 -1.06 -18.83
N SER A 159 14.64 -1.05 -18.82
CA SER A 159 14.44 -1.90 -20.03
CA SER A 159 14.45 -1.92 -20.01
C SER A 159 13.27 -2.95 -19.85
C SER A 159 13.19 -2.83 -19.81
N ILE A 160 13.09 -3.41 -18.52
CA ILE A 160 11.97 -4.32 -18.24
C ILE A 160 10.68 -3.55 -18.31
N ILE A 161 10.64 -2.34 -17.79
CA ILE A 161 9.43 -1.54 -17.85
C ILE A 161 9.19 -1.12 -19.34
N ALA A 162 10.26 -0.85 -20.11
CA ALA A 162 10.02 -0.46 -21.52
C ALA A 162 9.33 -1.56 -22.32
N LYS A 163 9.70 -2.83 -22.06
CA LYS A 163 9.05 -3.95 -22.77
C LYS A 163 7.57 -4.01 -22.43
N ALA A 164 7.21 -3.54 -21.24
CA ALA A 164 5.79 -3.57 -20.79
C ALA A 164 5.00 -2.30 -21.13
N GLN A 165 5.57 -1.39 -21.90
CA GLN A 165 4.84 -0.20 -22.32
C GLN A 165 3.68 -0.51 -23.23
N ILE A 166 2.64 0.37 -23.16
CA ILE A 166 1.43 0.21 -23.96
C ILE A 166 1.79 0.23 -25.47
N THR A 167 2.90 0.89 -25.82
CA THR A 167 3.38 0.88 -27.23
C THR A 167 3.81 -0.50 -27.68
N ASN A 168 4.08 -1.41 -26.77
CA ASN A 168 4.44 -2.79 -27.07
C ASN A 168 3.37 -3.74 -26.62
N GLY A 169 2.14 -3.27 -26.42
CA GLY A 169 1.04 -4.17 -26.06
C GLY A 169 0.95 -4.51 -24.56
N GLY A 170 1.71 -3.80 -23.74
CA GLY A 170 1.65 -4.00 -22.29
C GLY A 170 0.91 -2.91 -21.58
N PRO A 171 0.91 -3.00 -20.25
CA PRO A 171 0.06 -2.09 -19.44
C PRO A 171 0.66 -0.74 -19.04
N VAL A 172 1.95 -0.54 -19.25
CA VAL A 172 2.57 0.69 -18.68
C VAL A 172 2.28 1.92 -19.56
N ILE A 173 1.67 2.94 -18.96
CA ILE A 173 1.34 4.18 -19.69
C ILE A 173 2.13 5.43 -19.24
N LEU A 174 2.78 5.38 -18.05
CA LEU A 174 3.43 6.61 -17.53
C LEU A 174 4.62 6.14 -16.70
N TYR A 175 5.64 6.98 -16.64
CA TYR A 175 6.87 6.65 -15.88
C TYR A 175 7.28 7.83 -15.04
N GLN A 176 7.55 7.56 -13.76
CA GLN A 176 8.08 8.61 -12.89
C GLN A 176 9.56 8.38 -12.61
N PRO A 177 10.40 9.36 -12.95
CA PRO A 177 11.81 9.33 -12.51
C PRO A 177 11.97 9.94 -11.14
N GLU A 178 12.87 9.38 -10.32
CA GLU A 178 13.13 10.00 -8.99
C GLU A 178 11.87 9.94 -8.14
N ASN A 179 11.88 10.66 -7.03
CA ASN A 179 10.71 10.67 -6.14
C ASN A 179 10.75 11.92 -5.26
N GLU A 180 9.74 12.77 -5.35
CA GLU A 180 9.68 13.98 -4.52
C GLU A 180 11.03 14.73 -4.47
N TYR A 181 11.56 14.99 -5.66
CA TYR A 181 12.81 15.77 -5.79
C TYR A 181 12.40 17.22 -5.62
N SER A 182 12.36 17.63 -4.34
CA SER A 182 11.56 18.84 -4.05
C SER A 182 12.23 19.90 -3.22
N GLY A 183 13.38 19.55 -2.68
CA GLY A 183 14.20 20.50 -1.89
C GLY A 183 15.51 19.81 -1.52
N ALA A 184 16.42 20.59 -0.89
CA ALA A 184 17.73 20.03 -0.57
C ALA A 184 18.22 20.72 0.68
N ALA A 185 19.24 20.12 1.27
CA ALA A 185 19.90 20.66 2.46
C ALA A 185 20.57 22.02 2.15
N GLU A 186 20.81 22.77 3.21
CA GLU A 186 21.47 24.10 3.09
C GLU A 186 22.74 23.98 2.30
N GLY A 187 22.94 24.89 1.34
CA GLY A 187 24.18 24.88 0.61
C GLY A 187 24.33 23.88 -0.51
N VAL A 188 23.30 23.09 -0.82
CA VAL A 188 23.35 22.13 -1.90
C VAL A 188 22.53 22.63 -3.06
N LEU A 189 23.11 22.58 -4.24
CA LEU A 189 22.43 23.05 -5.45
C LEU A 189 21.07 22.41 -5.60
N PHE A 190 20.05 23.26 -5.69
CA PHE A 190 18.69 22.74 -5.92
C PHE A 190 17.81 23.81 -6.58
N PRO A 191 17.02 23.43 -7.59
CA PRO A 191 17.07 22.17 -8.34
C PRO A 191 18.38 21.96 -9.09
N ASN A 192 18.91 20.74 -9.04
CA ASN A 192 20.14 20.44 -9.77
C ASN A 192 19.72 19.91 -11.15
N LYS A 193 19.63 20.81 -12.13
CA LYS A 193 19.05 20.44 -13.42
C LYS A 193 19.88 19.40 -14.20
N PRO A 194 21.24 19.47 -14.12
CA PRO A 194 22.01 18.41 -14.73
C PRO A 194 21.70 17.05 -14.12
N TYR A 195 21.52 17.06 -12.81
CA TYR A 195 21.13 15.81 -12.11
C TYR A 195 19.80 15.27 -12.60
N MET A 196 18.82 16.15 -12.62
CA MET A 196 17.48 15.73 -13.06
C MET A 196 17.52 15.20 -14.50
N GLN A 197 18.28 15.89 -15.35
CA GLN A 197 18.30 15.45 -16.73
C GLN A 197 19.05 14.11 -16.89
N TYR A 198 20.08 13.89 -16.08
CA TYR A 198 20.77 12.59 -16.15
C TYR A 198 19.79 11.46 -15.81
N VAL A 199 18.97 11.67 -14.77
CA VAL A 199 17.97 10.65 -14.35
C VAL A 199 16.94 10.44 -15.48
N ILE A 200 16.46 11.52 -16.11
CA ILE A 200 15.61 11.35 -17.31
C ILE A 200 16.33 10.59 -18.44
N ASP A 201 17.56 10.98 -18.74
CA ASP A 201 18.29 10.34 -19.84
C ASP A 201 18.47 8.84 -19.62
N GLN A 202 18.66 8.43 -18.33
CA GLN A 202 18.82 6.99 -18.11
C GLN A 202 17.56 6.20 -18.57
N ALA A 203 16.40 6.76 -18.27
CA ALA A 203 15.13 6.11 -18.62
C ALA A 203 14.94 6.18 -20.13
N ARG A 204 15.18 7.36 -20.72
CA ARG A 204 15.02 7.49 -22.22
C ARG A 204 16.00 6.53 -22.92
N ASN A 205 17.24 6.44 -22.43
CA ASN A 205 18.22 5.60 -23.09
C ASN A 205 17.85 4.12 -23.01
N ALA A 206 17.13 3.74 -21.97
CA ALA A 206 16.69 2.30 -21.79
C ALA A 206 15.40 1.99 -22.57
N GLY A 207 14.84 2.95 -23.33
CA GLY A 207 13.70 2.74 -24.22
C GLY A 207 12.37 3.22 -23.67
N ILE A 208 12.33 3.96 -22.57
CA ILE A 208 11.05 4.52 -22.08
C ILE A 208 10.65 5.65 -23.01
N ILE A 209 9.48 5.45 -23.66
CA ILE A 209 8.97 6.45 -24.56
C ILE A 209 7.62 6.98 -24.16
N VAL A 210 7.01 6.38 -23.15
CA VAL A 210 5.74 6.97 -22.59
C VAL A 210 6.06 8.30 -21.91
N PRO A 211 5.04 9.04 -21.53
CA PRO A 211 5.28 10.34 -20.91
C PRO A 211 5.90 10.17 -19.49
N LEU A 212 6.74 11.13 -19.17
CA LEU A 212 7.39 11.18 -17.85
C LEU A 212 6.60 12.15 -16.98
N ILE A 213 6.22 11.67 -15.78
CA ILE A 213 5.47 12.47 -14.81
C ILE A 213 6.25 12.51 -13.55
N ASN A 214 6.29 13.66 -12.87
CA ASN A 214 7.00 13.73 -11.59
C ASN A 214 6.03 13.88 -10.43
N ASN A 215 6.59 13.94 -9.20
CA ASN A 215 5.74 13.98 -7.99
C ASN A 215 6.37 14.90 -6.97
N ASP A 216 6.30 16.19 -7.27
CA ASP A 216 6.82 17.19 -6.36
C ASP A 216 6.10 17.03 -5.01
N ALA A 217 6.84 17.13 -3.91
CA ALA A 217 6.22 16.94 -2.56
C ALA A 217 5.15 17.93 -2.24
N PHE A 218 5.23 19.10 -2.87
CA PHE A 218 4.23 20.17 -2.75
C PHE A 218 4.29 20.91 -4.08
N PRO A 219 3.41 21.86 -4.32
CA PRO A 219 3.42 22.61 -5.60
C PRO A 219 4.58 23.64 -5.63
N GLY A 220 5.78 23.13 -5.80
CA GLY A 220 7.01 23.94 -5.78
C GLY A 220 7.48 24.25 -7.20
N GLY A 221 6.85 23.64 -8.22
CA GLY A 221 7.26 23.88 -9.62
C GLY A 221 8.51 23.13 -10.12
N THR A 222 9.11 22.24 -9.32
CA THR A 222 10.42 21.65 -9.70
C THR A 222 10.16 20.65 -10.82
N GLY A 223 10.85 20.80 -11.92
CA GLY A 223 10.74 19.86 -13.05
C GLY A 223 9.59 20.16 -13.98
N ALA A 224 8.83 21.21 -13.74
CA ALA A 224 7.65 21.47 -14.55
C ALA A 224 8.06 21.76 -15.98
N PRO A 225 7.16 21.53 -16.92
CA PRO A 225 7.40 21.99 -18.29
C PRO A 225 7.71 23.50 -18.29
N GLY A 226 8.67 23.87 -19.13
CA GLY A 226 9.10 25.26 -19.19
C GLY A 226 10.27 25.59 -18.32
N THR A 227 10.71 24.65 -17.47
CA THR A 227 11.85 24.92 -16.62
C THR A 227 13.20 24.48 -17.26
N GLY A 228 13.19 24.06 -18.51
CA GLY A 228 14.42 23.83 -19.28
C GLY A 228 15.02 22.45 -18.95
N LEU A 229 16.31 22.42 -18.68
CA LEU A 229 16.98 21.17 -18.46
C LEU A 229 16.34 20.45 -17.25
N GLY A 230 16.12 19.13 -17.38
CA GLY A 230 15.54 18.41 -16.29
C GLY A 230 14.02 18.39 -16.21
N SER A 231 13.32 19.11 -17.07
CA SER A 231 11.88 19.16 -17.08
C SER A 231 11.25 17.79 -17.58
N VAL A 232 10.16 17.41 -16.90
CA VAL A 232 9.39 16.24 -17.30
C VAL A 232 8.26 16.67 -18.25
N ASP A 233 7.43 15.69 -18.64
CA ASP A 233 6.36 16.00 -19.58
C ASP A 233 5.13 16.53 -18.87
N ILE A 234 4.77 15.90 -17.74
CA ILE A 234 3.55 16.30 -17.03
C ILE A 234 4.00 16.57 -15.59
N TYR A 235 3.70 17.79 -15.11
CA TYR A 235 4.03 18.13 -13.72
C TYR A 235 3.03 17.51 -12.75
N GLY A 236 3.52 16.73 -11.78
CA GLY A 236 2.65 16.16 -10.78
C GLY A 236 3.14 16.58 -9.42
N HIS A 237 2.21 16.57 -8.45
CA HIS A 237 2.63 16.80 -7.07
C HIS A 237 1.79 15.92 -6.11
N ASP A 238 2.18 15.91 -4.85
CA ASP A 238 1.57 15.01 -3.88
C ASP A 238 0.83 15.79 -2.81
N GLY A 239 0.13 15.06 -1.94
CA GLY A 239 -0.49 15.71 -0.81
C GLY A 239 -0.98 14.72 0.22
N TYR A 240 -0.58 14.98 1.49
CA TYR A 240 -1.00 14.24 2.66
C TYR A 240 -1.52 15.18 3.68
N PRO A 241 -2.68 15.76 3.42
CA PRO A 241 -3.07 16.96 4.23
C PRO A 241 -3.31 16.70 5.70
N LEU A 242 -3.58 15.44 6.09
CA LEU A 242 -3.73 15.15 7.55
C LEU A 242 -2.51 14.54 8.26
N GLY A 243 -1.43 14.38 7.54
CA GLY A 243 -0.18 13.91 8.18
C GLY A 243 -0.29 12.47 8.59
N PHE A 244 0.68 12.02 9.40
CA PHE A 244 0.90 10.60 9.66
C PHE A 244 0.82 10.10 11.06
N ASP A 245 0.34 10.99 11.94
CA ASP A 245 0.17 10.70 13.35
C ASP A 245 -1.30 10.38 13.56
N CYS A 246 -1.59 9.12 13.84
CA CYS A 246 -2.95 8.60 13.93
C CYS A 246 -3.46 8.61 15.41
N ALA A 247 -2.85 9.44 16.26
CA ALA A 247 -3.21 9.46 17.70
C ALA A 247 -4.64 9.95 17.93
N HIS A 248 -5.12 10.80 17.00
CA HIS A 248 -6.47 11.49 17.21
C HIS A 248 -7.28 11.37 15.92
N PRO A 249 -7.83 10.19 15.67
CA PRO A 249 -8.47 9.94 14.36
C PRO A 249 -9.67 10.77 14.03
N SER A 250 -10.34 11.43 15.08
N SER A 250 -10.34 11.42 15.09
CA SER A 250 -11.54 12.30 14.86
CA SER A 250 -11.54 12.30 14.91
C SER A 250 -11.04 13.69 14.57
C SER A 250 -11.05 13.68 14.59
N ALA A 251 -9.75 14.08 14.74
CA ALA A 251 -9.33 15.52 14.70
C ALA A 251 -8.91 15.83 13.28
N TRP A 252 -9.60 16.82 12.71
CA TRP A 252 -9.24 17.36 11.37
C TRP A 252 -8.97 18.86 11.66
N PRO A 253 -7.74 19.19 11.74
CA PRO A 253 -7.36 20.53 12.24
C PRO A 253 -7.65 21.65 11.24
N ASP A 254 -7.80 22.83 11.81
CA ASP A 254 -8.00 24.00 10.99
C ASP A 254 -6.92 24.10 9.90
N ASN A 255 -7.37 24.52 8.73
CA ASN A 255 -6.50 24.73 7.57
C ASN A 255 -5.97 23.42 6.99
N GLY A 256 -6.51 22.30 7.42
CA GLY A 256 -6.09 20.97 6.80
C GLY A 256 -6.52 20.77 5.36
N LEU A 257 -7.60 21.38 4.95
CA LEU A 257 -8.09 21.12 3.55
C LEU A 257 -7.31 21.98 2.58
N PRO A 258 -6.73 21.41 1.53
CA PRO A 258 -6.01 22.23 0.56
C PRO A 258 -7.00 23.05 -0.26
N THR A 259 -6.80 24.35 -0.36
CA THR A 259 -7.74 25.16 -1.07
C THR A 259 -7.10 25.90 -2.27
N THR A 260 -5.81 25.71 -2.52
CA THR A 260 -5.10 26.57 -3.52
C THR A 260 -4.65 25.78 -4.78
N TRP A 261 -4.99 24.47 -4.87
CA TRP A 261 -4.33 23.68 -5.85
C TRP A 261 -4.75 23.98 -7.29
N ARG A 262 -6.02 24.41 -7.50
CA ARG A 262 -6.39 24.82 -8.87
C ARG A 262 -5.54 26.03 -9.33
N GLN A 263 -5.43 27.03 -8.44
CA GLN A 263 -4.58 28.19 -8.80
C GLN A 263 -3.11 27.83 -8.91
N ASP A 264 -2.63 26.99 -7.98
CA ASP A 264 -1.24 26.57 -8.01
C ASP A 264 -0.96 25.85 -9.37
N HIS A 265 -1.90 25.03 -9.79
CA HIS A 265 -1.76 24.33 -11.04
C HIS A 265 -1.66 25.31 -12.25
N LEU A 266 -2.54 26.29 -12.26
CA LEU A 266 -2.52 27.26 -13.36
C LEU A 266 -1.23 28.09 -13.29
N ASN A 267 -0.66 28.27 -12.08
CA ASN A 267 0.61 29.07 -11.95
C ASN A 267 1.81 28.28 -12.42
N ILE A 268 1.78 26.98 -12.25
CA ILE A 268 2.95 26.12 -12.45
C ILE A 268 2.97 25.40 -13.76
N SER A 269 1.87 24.73 -14.14
CA SER A 269 1.90 23.93 -15.35
C SER A 269 0.53 23.85 -16.01
N PRO A 270 0.06 24.99 -16.50
CA PRO A 270 -1.29 25.02 -17.10
C PRO A 270 -1.42 24.17 -18.36
N SER A 271 -0.31 23.85 -19.01
CA SER A 271 -0.39 23.13 -20.29
C SER A 271 -0.65 21.62 -20.11
N THR A 272 -0.56 21.16 -18.84
CA THR A 272 -0.67 19.70 -18.66
C THR A 272 -1.75 19.38 -17.62
N PRO A 273 -2.23 18.12 -17.59
CA PRO A 273 -3.37 17.79 -16.70
C PRO A 273 -3.02 17.96 -15.22
N PHE A 274 -3.98 18.45 -14.48
CA PHE A 274 -3.76 18.56 -13.00
C PHE A 274 -3.65 17.14 -12.41
N SER A 275 -2.47 16.86 -11.84
CA SER A 275 -2.08 15.50 -11.47
C SER A 275 -1.66 15.45 -9.99
N LEU A 276 -2.33 14.59 -9.26
CA LEU A 276 -1.92 14.29 -7.86
C LEU A 276 -1.40 12.86 -7.90
N VAL A 277 -0.05 12.77 -7.97
CA VAL A 277 0.62 11.48 -8.21
C VAL A 277 0.62 10.62 -6.96
N GLU A 278 0.56 11.29 -5.79
CA GLU A 278 0.27 10.58 -4.51
C GLU A 278 -0.68 11.44 -3.72
N PHE A 279 -1.86 10.94 -3.41
CA PHE A 279 -2.71 11.63 -2.44
C PHE A 279 -3.09 10.63 -1.35
N GLN A 280 -3.12 11.14 -0.13
CA GLN A 280 -3.33 10.33 1.08
C GLN A 280 -4.48 9.30 0.96
N GLY A 281 -4.11 8.07 1.19
CA GLY A 281 -5.02 6.93 1.29
C GLY A 281 -4.89 6.23 2.64
N GLY A 282 -4.04 6.76 3.52
CA GLY A 282 -3.89 6.13 4.85
C GLY A 282 -2.75 6.90 5.52
N ALA A 283 -1.99 6.17 6.33
CA ALA A 283 -0.79 6.74 6.99
C ALA A 283 0.15 5.59 7.24
N PHE A 284 1.44 5.88 7.31
CA PHE A 284 2.37 4.90 7.89
C PHE A 284 2.28 5.02 9.42
N ASP A 285 2.90 4.06 10.09
CA ASP A 285 2.82 4.06 11.60
C ASP A 285 4.17 3.54 12.11
N PRO A 286 4.79 4.23 13.09
CA PRO A 286 6.12 3.82 13.59
C PRO A 286 6.02 2.75 14.65
N PHE A 287 7.17 2.14 14.97
CA PHE A 287 7.25 1.40 16.23
C PHE A 287 6.78 2.32 17.35
N GLY A 288 6.06 1.72 18.25
CA GLY A 288 5.44 2.48 19.39
C GLY A 288 4.26 3.32 18.91
N GLY A 289 3.76 3.08 17.67
CA GLY A 289 2.67 3.91 17.14
C GLY A 289 1.31 3.41 17.58
N TRP A 290 0.31 3.80 16.81
CA TRP A 290 -1.10 3.66 17.23
C TRP A 290 -1.80 2.42 16.65
N GLY A 291 -1.13 1.71 15.72
CA GLY A 291 -1.80 0.60 15.01
C GLY A 291 -2.55 1.10 13.79
N PHE A 292 -2.60 0.28 12.76
CA PHE A 292 -3.26 0.68 11.49
C PHE A 292 -4.75 0.72 11.53
N GLU A 293 -5.36 0.08 12.54
CA GLU A 293 -6.81 0.27 12.72
C GLU A 293 -7.09 1.74 13.01
N GLN A 294 -6.33 2.35 13.93
CA GLN A 294 -6.47 3.74 14.24
C GLN A 294 -6.15 4.65 13.03
N CYS A 295 -5.11 4.29 12.21
CA CYS A 295 -4.86 5.04 10.99
C CYS A 295 -6.05 4.98 10.00
N SER A 296 -6.71 3.80 9.93
CA SER A 296 -7.84 3.66 9.02
C SER A 296 -9.04 4.48 9.51
N ALA A 297 -9.08 4.74 10.85
CA ALA A 297 -10.17 5.55 11.39
C ALA A 297 -9.92 7.02 11.09
N LEU A 298 -8.64 7.43 11.07
CA LEU A 298 -8.32 8.80 10.64
C LEU A 298 -8.65 8.97 9.13
N VAL A 299 -8.09 8.10 8.30
CA VAL A 299 -8.29 8.23 6.85
C VAL A 299 -9.41 7.31 6.46
N ASN A 300 -10.62 7.67 6.89
CA ASN A 300 -11.78 6.81 6.73
C ASN A 300 -12.66 7.23 5.57
N HIS A 301 -13.88 6.70 5.51
CA HIS A 301 -14.77 7.03 4.39
C HIS A 301 -15.13 8.52 4.37
N GLU A 302 -15.22 9.12 5.57
CA GLU A 302 -15.54 10.59 5.63
C GLU A 302 -14.41 11.40 5.09
N PHE A 303 -13.16 11.02 5.45
CA PHE A 303 -12.01 11.68 4.81
C PHE A 303 -12.08 11.57 3.28
N GLU A 304 -12.39 10.38 2.78
CA GLU A 304 -12.43 10.24 1.30
C GLU A 304 -13.47 11.14 0.68
N ARG A 305 -14.69 11.14 1.23
CA ARG A 305 -15.72 11.92 0.54
C ARG A 305 -15.40 13.44 0.59
N VAL A 306 -14.89 13.92 1.73
CA VAL A 306 -14.60 15.38 1.80
C VAL A 306 -13.32 15.72 0.99
N PHE A 307 -12.21 15.04 1.32
CA PHE A 307 -10.95 15.40 0.66
C PHE A 307 -10.84 15.01 -0.82
N TYR A 308 -11.40 13.84 -1.19
CA TYR A 308 -11.23 13.44 -2.58
C TYR A 308 -12.14 14.30 -3.46
N LYS A 309 -13.38 14.54 -3.05
CA LYS A 309 -14.22 15.41 -3.86
C LYS A 309 -13.62 16.84 -3.89
N ASN A 310 -12.85 17.24 -2.85
CA ASN A 310 -12.20 18.55 -2.92
C ASN A 310 -11.12 18.59 -4.03
N ASN A 311 -10.52 17.44 -4.30
CA ASN A 311 -9.58 17.37 -5.40
C ASN A 311 -10.32 17.41 -6.74
N MET A 312 -11.50 16.79 -6.80
CA MET A 312 -12.35 16.91 -8.00
C MET A 312 -12.80 18.41 -8.15
N ALA A 313 -13.02 19.10 -7.03
CA ALA A 313 -13.36 20.52 -7.13
C ALA A 313 -12.25 21.35 -7.83
N ALA A 314 -11.01 20.89 -7.73
CA ALA A 314 -9.89 21.52 -8.44
C ALA A 314 -9.64 20.93 -9.85
N GLY A 315 -10.46 19.93 -10.31
CA GLY A 315 -10.34 19.39 -11.64
C GLY A 315 -9.21 18.35 -11.77
N VAL A 316 -8.90 17.62 -10.71
CA VAL A 316 -7.85 16.59 -10.84
C VAL A 316 -8.23 15.58 -11.92
N THR A 317 -7.31 15.28 -12.87
CA THR A 317 -7.60 14.26 -13.88
C THR A 317 -6.58 13.17 -13.93
N ILE A 318 -5.49 13.27 -13.13
CA ILE A 318 -4.62 12.09 -12.89
C ILE A 318 -4.50 12.04 -11.36
N PHE A 319 -5.03 10.99 -10.77
CA PHE A 319 -5.28 11.01 -9.30
C PHE A 319 -4.95 9.60 -8.79
N ASN A 320 -3.90 9.52 -7.95
CA ASN A 320 -3.45 8.23 -7.42
C ASN A 320 -3.48 8.19 -5.92
N ILE A 321 -4.07 7.14 -5.36
CA ILE A 321 -4.28 7.02 -3.91
C ILE A 321 -3.19 6.16 -3.31
N TYR A 322 -2.35 6.78 -2.43
CA TYR A 322 -1.23 6.10 -1.82
C TYR A 322 -1.54 5.88 -0.32
N MET A 323 -1.58 4.66 0.18
CA MET A 323 -1.62 3.35 -0.56
C MET A 323 -3.08 3.00 -0.81
N THR A 324 -3.25 2.11 -1.80
CA THR A 324 -4.57 1.44 -1.99
C THR A 324 -4.52 0.05 -1.40
N PHE A 325 -3.42 -0.71 -1.65
CA PHE A 325 -3.12 -1.94 -0.97
C PHE A 325 -1.65 -1.83 -0.53
N GLY A 326 -1.40 -1.95 0.80
CA GLY A 326 -0.08 -1.74 1.38
C GLY A 326 0.77 -3.00 1.42
N GLY A 327 0.19 -4.13 1.80
CA GLY A 327 0.98 -5.37 1.97
C GLY A 327 1.85 -5.32 3.21
N THR A 328 3.01 -6.00 3.10
CA THR A 328 3.77 -6.33 4.30
C THR A 328 5.26 -6.09 4.08
N ASN A 329 5.96 -5.52 5.09
CA ASN A 329 7.40 -5.35 5.02
C ASN A 329 8.07 -6.65 5.53
N TRP A 330 7.90 -7.69 4.76
CA TRP A 330 8.49 -9.00 5.08
C TRP A 330 9.98 -8.94 4.80
N GLY A 331 10.70 -9.86 5.45
CA GLY A 331 12.09 -10.06 5.11
C GLY A 331 12.94 -8.78 5.28
N ASN A 332 12.70 -8.03 6.37
CA ASN A 332 13.49 -6.82 6.68
C ASN A 332 13.48 -5.74 5.62
N LEU A 333 12.48 -5.77 4.71
CA LEU A 333 12.59 -4.79 3.59
C LEU A 333 12.22 -3.37 4.04
N GLY A 334 11.59 -3.20 5.24
CA GLY A 334 11.13 -1.84 5.70
C GLY A 334 12.21 -1.02 6.41
N HIS A 335 11.90 0.29 6.61
CA HIS A 335 12.82 1.18 7.26
C HIS A 335 12.54 1.19 8.77
N PRO A 336 13.45 1.78 9.56
CA PRO A 336 13.24 1.82 11.03
C PRO A 336 12.08 2.62 11.47
N GLY A 337 11.60 3.55 10.63
CA GLY A 337 10.43 4.35 10.97
C GLY A 337 9.09 3.68 10.89
N GLY A 338 9.10 2.39 10.60
CA GLY A 338 7.92 1.57 10.57
C GLY A 338 8.28 0.18 11.06
N TYR A 339 7.26 -0.68 11.10
CA TYR A 339 7.41 -2.05 11.61
C TYR A 339 6.97 -3.06 10.55
N THR A 340 6.65 -4.30 10.90
CA THR A 340 6.42 -5.28 9.85
C THR A 340 5.22 -4.94 8.97
N SER A 341 4.08 -4.60 9.56
CA SER A 341 2.90 -4.35 8.77
C SER A 341 3.04 -3.08 7.93
N TYR A 342 2.56 -3.16 6.68
CA TYR A 342 2.37 -1.90 5.91
C TYR A 342 0.88 -1.83 5.48
N ASP A 343 -0.02 -2.20 6.41
CA ASP A 343 -1.44 -2.12 6.08
C ASP A 343 -1.84 -0.72 5.66
N TYR A 344 -1.23 0.25 6.34
CA TYR A 344 -1.34 1.69 5.98
C TYR A 344 -2.74 2.25 6.28
N GLY A 345 -3.62 1.43 6.93
CA GLY A 345 -5.03 1.91 7.05
C GLY A 345 -5.71 2.05 5.69
N ALA A 346 -5.18 1.37 4.65
CA ALA A 346 -5.64 1.56 3.24
C ALA A 346 -7.05 0.98 3.05
N SER A 347 -7.62 1.34 1.89
CA SER A 347 -8.94 0.80 1.50
C SER A 347 -8.95 -0.70 1.35
N ILE A 348 -7.82 -1.27 0.90
CA ILE A 348 -7.65 -2.75 0.86
C ILE A 348 -6.71 -3.12 1.98
N ARG A 349 -7.14 -4.01 2.90
CA ARG A 349 -6.30 -4.33 4.08
C ARG A 349 -5.07 -5.13 3.66
N GLU A 350 -4.13 -5.25 4.59
CA GLU A 350 -2.91 -6.02 4.37
C GLU A 350 -3.24 -7.46 3.96
N ASP A 351 -4.33 -8.03 4.51
CA ASP A 351 -4.72 -9.40 4.18
C ASP A 351 -5.69 -9.45 3.00
N ARG A 352 -5.81 -8.29 2.32
CA ARG A 352 -6.54 -8.15 1.05
C ARG A 352 -8.03 -8.06 1.19
N ARG A 353 -8.54 -8.06 2.41
CA ARG A 353 -10.01 -7.88 2.62
C ARG A 353 -10.43 -6.44 2.29
N ILE A 354 -11.66 -6.35 1.78
CA ILE A 354 -12.22 -5.08 1.33
C ILE A 354 -13.51 -4.84 2.08
N ASP A 355 -13.45 -5.05 3.41
CA ASP A 355 -14.61 -4.81 4.23
C ASP A 355 -14.64 -3.38 4.75
N ARG A 356 -13.54 -2.64 4.74
CA ARG A 356 -13.61 -1.28 5.36
C ARG A 356 -14.57 -0.41 4.62
N GLU A 357 -15.30 0.44 5.33
CA GLU A 357 -16.29 1.30 4.65
C GLU A 357 -15.66 2.22 3.61
N LYS A 358 -14.41 2.66 3.90
CA LYS A 358 -13.69 3.51 2.94
C LYS A 358 -13.56 2.85 1.57
N TYR A 359 -13.48 1.50 1.52
CA TYR A 359 -13.41 0.83 0.18
C TYR A 359 -14.70 1.14 -0.60
N SER A 360 -15.85 0.86 0.04
CA SER A 360 -17.10 1.02 -0.66
C SER A 360 -17.32 2.50 -1.07
N GLU A 361 -16.96 3.43 -0.20
CA GLU A 361 -17.09 4.86 -0.55
C GLU A 361 -16.21 5.21 -1.78
N LEU A 362 -15.00 4.64 -1.80
CA LEU A 362 -14.10 4.96 -2.89
C LEU A 362 -14.67 4.40 -4.21
N LYS A 363 -15.32 3.24 -4.14
CA LYS A 363 -15.99 2.70 -5.32
C LYS A 363 -17.07 3.64 -5.87
N LEU A 364 -17.81 4.29 -4.98
CA LEU A 364 -18.85 5.24 -5.46
C LEU A 364 -18.17 6.29 -6.32
N GLN A 365 -17.02 6.78 -5.84
CA GLN A 365 -16.31 7.88 -6.54
C GLN A 365 -15.69 7.42 -7.86
N GLY A 366 -15.11 6.20 -7.87
CA GLY A 366 -14.48 5.75 -9.12
C GLY A 366 -15.53 5.49 -10.18
N GLN A 367 -16.63 4.86 -9.76
CA GLN A 367 -17.70 4.56 -10.69
C GLN A 367 -18.39 5.82 -11.26
N PHE A 368 -18.51 6.85 -10.42
CA PHE A 368 -19.04 8.14 -10.89
C PHE A 368 -18.13 8.74 -11.93
N LEU A 369 -16.81 8.82 -11.63
CA LEU A 369 -15.93 9.62 -12.60
C LEU A 369 -15.88 8.95 -13.98
N LYS A 370 -15.85 7.59 -14.00
CA LYS A 370 -15.66 6.93 -15.30
C LYS A 370 -16.87 6.94 -16.23
N VAL A 371 -18.02 7.43 -15.76
CA VAL A 371 -19.15 7.65 -16.70
C VAL A 371 -19.42 9.15 -16.89
N SER A 372 -18.45 10.00 -16.55
CA SER A 372 -18.73 11.48 -16.49
C SER A 372 -17.67 12.25 -17.30
N PRO A 373 -17.61 12.02 -18.63
CA PRO A 373 -16.56 12.68 -19.46
C PRO A 373 -16.71 14.21 -19.41
N GLY A 374 -17.90 14.73 -19.11
CA GLY A 374 -18.04 16.16 -19.03
C GLY A 374 -17.26 16.78 -17.91
N TYR A 375 -16.89 16.00 -16.92
CA TYR A 375 -16.08 16.53 -15.82
C TYR A 375 -14.69 16.95 -16.34
N ILE A 376 -14.20 16.26 -17.40
CA ILE A 376 -12.83 16.55 -17.88
C ILE A 376 -12.77 17.90 -18.53
N THR A 377 -13.82 18.25 -19.26
CA THR A 377 -13.75 19.49 -20.03
C THR A 377 -14.40 20.67 -19.35
N ALA A 378 -15.09 20.46 -18.21
CA ALA A 378 -15.60 21.56 -17.40
C ALA A 378 -14.39 22.31 -16.79
N THR A 379 -14.51 23.63 -16.63
CA THR A 379 -13.40 24.44 -16.08
C THR A 379 -13.63 24.68 -14.60
N PRO A 380 -12.71 24.25 -13.74
CA PRO A 380 -12.89 24.51 -12.29
C PRO A 380 -12.67 26.03 -12.02
N GLU A 381 -13.51 26.60 -11.18
CA GLU A 381 -13.45 28.02 -10.87
C GLU A 381 -13.24 28.18 -9.40
N ASN A 382 -13.11 29.42 -8.94
CA ASN A 382 -12.86 29.61 -7.52
C ASN A 382 -14.01 29.07 -6.65
N ALA A 383 -13.68 28.62 -5.46
CA ALA A 383 -14.64 28.29 -4.42
C ALA A 383 -15.48 29.53 -4.09
N THR A 384 -16.75 29.27 -3.75
CA THR A 384 -17.67 30.38 -3.39
C THR A 384 -18.43 30.12 -2.16
N GLN A 385 -18.97 31.19 -1.57
CA GLN A 385 -19.79 31.04 -0.40
C GLN A 385 -20.92 32.04 -0.55
N GLY A 386 -22.18 31.56 -0.54
CA GLY A 386 -23.30 32.49 -0.69
C GLY A 386 -23.57 32.91 -2.13
N VAL A 387 -22.99 32.23 -3.13
CA VAL A 387 -23.18 32.53 -4.52
C VAL A 387 -24.13 31.54 -5.18
N TYR A 388 -23.81 30.23 -5.06
CA TYR A 388 -24.67 29.16 -5.55
C TYR A 388 -25.62 28.64 -4.52
N SER A 389 -25.65 29.28 -3.35
CA SER A 389 -26.70 28.99 -2.32
C SER A 389 -26.92 30.24 -1.54
N ASP A 390 -28.12 30.43 -1.00
CA ASP A 390 -28.34 31.57 -0.10
C ASP A 390 -27.58 31.34 1.21
N SER A 391 -27.43 30.08 1.63
CA SER A 391 -26.77 29.73 2.85
C SER A 391 -25.31 30.03 2.72
N GLN A 392 -24.77 30.61 3.82
CA GLN A 392 -23.32 30.87 3.96
C GLN A 392 -22.62 29.72 4.72
N ASN A 393 -23.35 28.70 5.19
CA ASN A 393 -22.77 27.62 6.00
C ASN A 393 -22.16 26.51 5.15
N ILE A 394 -22.23 26.66 3.83
CA ILE A 394 -21.64 25.68 2.90
C ILE A 394 -20.81 26.45 1.87
N VAL A 395 -19.77 25.81 1.38
CA VAL A 395 -18.93 26.29 0.30
C VAL A 395 -19.20 25.46 -0.92
N ILE A 396 -19.23 26.11 -2.06
CA ILE A 396 -19.58 25.42 -3.32
C ILE A 396 -18.53 25.79 -4.37
N THR A 397 -17.83 24.78 -4.93
CA THR A 397 -16.87 25.06 -5.98
C THR A 397 -17.45 24.58 -7.26
N PRO A 398 -17.62 25.47 -8.25
CA PRO A 398 -18.16 25.11 -9.54
C PRO A 398 -17.14 24.68 -10.56
N LEU A 399 -17.53 23.75 -11.40
CA LEU A 399 -16.79 23.38 -12.62
C LEU A 399 -17.79 23.66 -13.74
N LEU A 400 -17.43 24.58 -14.65
CA LEU A 400 -18.41 25.15 -15.58
C LEU A 400 -18.07 24.90 -17.00
N ALA A 401 -19.11 24.70 -17.80
CA ALA A 401 -18.92 24.54 -19.26
C ALA A 401 -20.07 25.21 -19.99
N LYS A 402 -19.86 25.60 -21.27
CA LYS A 402 -20.92 26.23 -22.01
C LYS A 402 -22.18 25.35 -22.18
N GLU A 403 -21.95 24.09 -22.54
CA GLU A 403 -23.07 23.18 -22.87
C GLU A 403 -22.90 21.76 -22.35
N SER A 404 -21.69 21.35 -22.01
CA SER A 404 -21.44 19.89 -21.82
C SER A 404 -21.68 19.45 -20.38
N GLY A 405 -22.09 20.37 -19.52
CA GLY A 405 -22.59 20.10 -18.17
C GLY A 405 -21.70 20.69 -17.09
N ASP A 406 -22.34 21.07 -16.00
CA ASP A 406 -21.62 21.70 -14.87
C ASP A 406 -21.63 20.76 -13.66
N PHE A 407 -20.65 20.94 -12.78
CA PHE A 407 -20.54 20.13 -11.54
C PHE A 407 -20.33 21.09 -10.42
N PHE A 408 -20.93 20.81 -9.25
CA PHE A 408 -20.81 21.72 -8.10
C PHE A 408 -20.44 20.90 -6.90
N VAL A 409 -19.25 21.16 -6.33
CA VAL A 409 -18.82 20.39 -5.17
C VAL A 409 -19.21 21.18 -3.93
N VAL A 410 -20.06 20.55 -3.13
CA VAL A 410 -20.59 21.19 -1.91
C VAL A 410 -19.95 20.60 -0.68
N ARG A 411 -19.48 21.49 0.24
CA ARG A 411 -19.01 21.02 1.52
C ARG A 411 -19.40 21.98 2.63
N HIS A 412 -19.21 21.57 3.88
CA HIS A 412 -19.39 22.52 4.99
C HIS A 412 -18.34 23.66 4.91
N ALA A 413 -18.75 24.89 5.29
CA ALA A 413 -17.79 26.02 5.18
C ALA A 413 -16.59 25.79 6.09
N ASN A 414 -16.87 25.20 7.27
CA ASN A 414 -15.80 24.63 8.07
C ASN A 414 -15.71 23.18 7.66
N TYR A 415 -14.64 22.85 6.92
CA TYR A 415 -14.55 21.50 6.29
C TYR A 415 -14.59 20.36 7.31
N SER A 416 -14.22 20.63 8.58
CA SER A 416 -14.14 19.67 9.68
C SER A 416 -15.49 19.37 10.27
N SER A 417 -16.48 20.25 9.95
CA SER A 417 -17.75 20.23 10.71
C SER A 417 -18.43 18.87 10.70
N THR A 418 -18.88 18.46 11.90
CA THR A 418 -19.71 17.23 12.04
C THR A 418 -21.19 17.62 12.20
N ASP A 419 -21.51 18.92 11.97
CA ASP A 419 -22.94 19.37 12.04
C ASP A 419 -23.69 19.02 10.76
N THR A 420 -25.01 18.95 10.88
CA THR A 420 -25.86 18.86 9.75
C THR A 420 -26.31 20.22 9.32
N ALA A 421 -26.23 20.49 8.01
CA ALA A 421 -26.67 21.76 7.45
C ALA A 421 -27.88 21.52 6.53
N SER A 422 -28.91 22.38 6.61
CA SER A 422 -29.99 22.40 5.64
C SER A 422 -29.71 23.52 4.68
N TYR A 423 -29.97 23.29 3.40
CA TYR A 423 -29.64 24.24 2.39
C TYR A 423 -30.46 24.04 1.10
N THR A 424 -30.45 25.05 0.24
CA THR A 424 -30.89 24.94 -1.15
C THR A 424 -29.77 25.49 -2.04
N VAL A 425 -29.86 25.19 -3.32
CA VAL A 425 -28.86 25.73 -4.23
C VAL A 425 -29.52 26.51 -5.34
N LYS A 426 -28.76 27.41 -5.94
CA LYS A 426 -29.28 28.14 -7.12
C LYS A 426 -28.22 27.91 -8.19
N LEU A 427 -28.56 27.14 -9.25
CA LEU A 427 -27.55 26.64 -10.17
C LEU A 427 -27.89 27.02 -11.58
N PRO A 428 -26.87 27.29 -12.41
CA PRO A 428 -27.09 27.60 -13.78
C PRO A 428 -27.39 26.34 -14.59
N THR A 429 -28.37 26.40 -15.46
CA THR A 429 -28.72 25.28 -16.30
C THR A 429 -29.09 25.81 -17.68
N SER A 430 -29.20 24.91 -18.64
CA SER A 430 -29.66 25.28 -20.01
C SER A 430 -31.07 25.89 -19.96
N ALA A 431 -31.80 25.75 -18.84
CA ALA A 431 -33.18 26.32 -18.74
C ALA A 431 -33.17 27.60 -17.96
N GLY A 432 -31.95 28.14 -17.65
CA GLY A 432 -31.80 29.31 -16.78
C GLY A 432 -31.39 28.94 -15.38
N ASP A 433 -31.16 29.92 -14.54
CA ASP A 433 -30.76 29.71 -13.12
C ASP A 433 -31.95 29.22 -12.34
N LEU A 434 -31.79 28.12 -11.59
CA LEU A 434 -32.93 27.57 -10.86
C LEU A 434 -32.58 27.35 -9.43
N THR A 435 -33.44 27.73 -8.49
CA THR A 435 -33.28 27.38 -7.07
C THR A 435 -33.90 25.99 -6.90
N ILE A 436 -33.06 25.09 -6.39
CA ILE A 436 -33.43 23.67 -6.27
C ILE A 436 -33.34 23.33 -4.78
N PRO A 437 -34.33 22.57 -4.24
CA PRO A 437 -35.49 21.89 -4.94
C PRO A 437 -36.56 22.79 -5.53
N GLN A 438 -36.87 22.52 -6.81
CA GLN A 438 -37.99 23.22 -7.46
C GLN A 438 -39.37 22.88 -6.95
N LEU A 439 -39.53 21.71 -6.34
CA LEU A 439 -40.83 21.29 -5.81
C LEU A 439 -40.91 21.41 -4.32
N GLY A 440 -40.02 22.22 -3.71
CA GLY A 440 -40.09 22.52 -2.31
C GLY A 440 -39.22 21.59 -1.46
N GLY A 441 -38.94 22.03 -0.24
CA GLY A 441 -38.08 21.28 0.68
C GLY A 441 -36.63 21.74 0.66
N SER A 442 -35.86 21.18 1.55
CA SER A 442 -34.42 21.55 1.76
C SER A 442 -33.59 20.29 1.55
N LEU A 443 -32.40 20.53 1.03
CA LEU A 443 -31.33 19.53 1.00
C LEU A 443 -30.61 19.49 2.33
N THR A 444 -29.97 18.34 2.59
CA THR A 444 -29.25 18.12 3.82
C THR A 444 -27.81 17.74 3.55
N LEU A 445 -26.88 18.36 4.29
CA LEU A 445 -25.47 17.92 4.25
C LEU A 445 -25.17 17.53 5.67
N THR A 446 -24.97 16.25 5.89
CA THR A 446 -24.69 15.73 7.24
C THR A 446 -23.20 15.88 7.55
N GLY A 447 -22.79 15.46 8.73
CA GLY A 447 -21.43 15.72 9.18
C GLY A 447 -20.35 15.05 8.32
N ARG A 448 -19.33 15.82 7.99
CA ARG A 448 -18.18 15.32 7.21
C ARG A 448 -18.60 14.63 5.95
N ASP A 449 -19.53 15.27 5.22
CA ASP A 449 -19.97 14.79 3.93
C ASP A 449 -19.66 15.89 2.93
N SER A 450 -19.57 15.52 1.64
CA SER A 450 -19.47 16.49 0.59
C SER A 450 -20.15 15.83 -0.57
N LYS A 451 -20.81 16.64 -1.41
CA LYS A 451 -21.56 16.11 -2.55
C LYS A 451 -21.23 16.80 -3.81
N ILE A 452 -21.42 16.13 -4.94
CA ILE A 452 -21.30 16.81 -6.22
C ILE A 452 -22.71 16.83 -6.82
N HIS A 453 -23.26 18.02 -7.01
CA HIS A 453 -24.52 18.20 -7.76
C HIS A 453 -24.17 18.54 -9.19
N VAL A 454 -25.05 18.19 -10.13
CA VAL A 454 -24.73 18.39 -11.57
C VAL A 454 -25.88 19.14 -12.27
N THR A 455 -25.53 19.83 -13.36
CA THR A 455 -26.51 20.37 -14.27
C THR A 455 -26.18 19.98 -15.71
N ASP A 456 -27.20 19.76 -16.53
CA ASP A 456 -27.07 19.34 -17.90
C ASP A 456 -26.06 18.18 -18.05
N TYR A 457 -26.34 17.18 -17.21
CA TYR A 457 -25.49 15.97 -17.19
C TYR A 457 -26.04 14.95 -18.16
N PRO A 458 -25.27 14.59 -19.19
CA PRO A 458 -25.78 13.62 -20.18
C PRO A 458 -25.81 12.18 -19.66
N VAL A 459 -26.93 11.55 -19.92
CA VAL A 459 -27.12 10.13 -19.56
C VAL A 459 -27.52 9.45 -20.87
N GLY A 460 -26.51 9.10 -21.67
CA GLY A 460 -26.76 8.56 -23.03
C GLY A 460 -27.52 9.61 -23.81
N LYS A 461 -28.70 9.24 -24.34
CA LYS A 461 -29.53 10.19 -25.11
C LYS A 461 -30.40 11.06 -24.23
N PHE A 462 -30.44 10.77 -22.94
CA PHE A 462 -31.21 11.55 -22.00
C PHE A 462 -30.31 12.64 -21.34
N THR A 463 -30.93 13.65 -20.77
CA THR A 463 -30.19 14.66 -20.01
C THR A 463 -30.81 14.92 -18.68
N LEU A 464 -29.98 14.94 -17.61
CA LEU A 464 -30.48 15.42 -16.36
C LEU A 464 -30.28 16.90 -16.47
N LEU A 465 -31.39 17.65 -16.51
CA LEU A 465 -31.29 19.10 -16.41
C LEU A 465 -30.54 19.47 -15.11
N TYR A 466 -30.85 18.76 -14.04
CA TYR A 466 -30.02 18.87 -12.80
C TYR A 466 -30.26 17.64 -11.95
N SER A 467 -29.31 17.38 -11.05
CA SER A 467 -29.56 16.40 -9.98
C SER A 467 -28.84 16.83 -8.72
N THR A 468 -29.51 16.79 -7.57
CA THR A 468 -28.81 16.91 -6.30
C THR A 468 -28.28 15.59 -5.85
N ALA A 469 -28.98 14.50 -6.14
CA ALA A 469 -28.50 13.17 -5.76
C ALA A 469 -27.26 12.89 -6.58
N GLU A 470 -26.37 12.13 -5.98
CA GLU A 470 -25.09 11.80 -6.65
C GLU A 470 -25.24 10.58 -7.54
N ILE A 471 -24.47 10.59 -8.69
N ILE A 471 -24.46 10.58 -8.68
CA ILE A 471 -24.52 9.52 -9.70
CA ILE A 471 -24.53 9.50 -9.68
C ILE A 471 -23.55 8.46 -9.27
C ILE A 471 -23.55 8.45 -9.30
N PHE A 472 -24.05 7.15 -9.19
CA PHE A 472 -23.17 5.98 -9.04
C PHE A 472 -22.71 5.49 -10.39
N THR A 473 -23.69 5.26 -11.30
CA THR A 473 -23.30 4.85 -12.66
C THR A 473 -24.51 5.07 -13.55
N TRP A 474 -24.24 4.96 -14.84
CA TRP A 474 -25.35 4.84 -15.81
C TRP A 474 -24.82 4.11 -17.00
N ASN A 475 -25.72 3.49 -17.77
CA ASN A 475 -25.36 2.91 -19.04
C ASN A 475 -26.50 2.86 -19.96
N GLU A 476 -26.17 2.96 -21.23
CA GLU A 476 -27.16 2.84 -22.29
C GLU A 476 -27.00 1.41 -22.78
N PHE A 477 -27.92 0.54 -22.43
CA PHE A 477 -28.03 -0.82 -22.91
C PHE A 477 -28.74 -0.80 -24.26
N ALA A 478 -28.86 -1.97 -24.88
CA ALA A 478 -29.39 -2.01 -26.27
C ALA A 478 -30.85 -1.48 -26.35
N GLU A 479 -31.63 -1.74 -25.30
CA GLU A 479 -33.02 -1.42 -25.26
C GLU A 479 -33.43 -0.37 -24.15
N LYS A 480 -32.67 -0.16 -23.05
CA LYS A 480 -33.08 0.79 -21.99
C LYS A 480 -31.80 1.51 -21.57
N THR A 481 -31.97 2.65 -20.95
CA THR A 481 -30.82 3.32 -20.31
C THR A 481 -31.07 3.21 -18.84
N VAL A 482 -30.01 2.90 -18.07
CA VAL A 482 -30.22 2.77 -16.58
C VAL A 482 -29.35 3.83 -15.90
N LEU A 483 -29.92 4.49 -14.88
CA LEU A 483 -29.21 5.53 -14.12
C LEU A 483 -29.39 5.13 -12.64
N VAL A 484 -28.28 5.14 -11.89
CA VAL A 484 -28.40 4.81 -10.44
C VAL A 484 -27.98 6.05 -9.70
N LEU A 485 -28.87 6.57 -8.85
CA LEU A 485 -28.62 7.79 -8.09
C LEU A 485 -28.68 7.44 -6.59
N TYR A 486 -27.93 8.15 -5.78
CA TYR A 486 -27.99 7.87 -4.33
C TYR A 486 -27.89 9.11 -3.50
N GLY A 487 -28.41 8.94 -2.28
CA GLY A 487 -28.24 9.94 -1.24
C GLY A 487 -28.01 9.25 0.08
N GLY A 488 -27.42 9.98 1.02
CA GLY A 488 -27.38 9.44 2.41
C GLY A 488 -28.81 9.29 2.95
N ALA A 489 -28.96 8.34 3.85
CA ALA A 489 -30.33 8.09 4.42
C ALA A 489 -30.94 9.40 4.96
N GLN A 490 -32.23 9.56 4.68
CA GLN A 490 -33.09 10.69 5.18
C GLN A 490 -32.80 12.03 4.47
N GLU A 491 -31.93 12.03 3.46
CA GLU A 491 -31.73 13.22 2.60
C GLU A 491 -32.83 13.32 1.58
N LEU A 492 -33.42 14.52 1.43
CA LEU A 492 -34.29 14.81 0.31
C LEU A 492 -33.49 15.18 -0.89
N HIS A 493 -33.83 14.60 -2.03
CA HIS A 493 -33.16 14.92 -3.29
C HIS A 493 -34.14 15.19 -4.39
N GLU A 494 -33.67 15.92 -5.38
CA GLU A 494 -34.49 16.17 -6.55
C GLU A 494 -33.65 16.14 -7.79
N PHE A 495 -34.23 15.66 -8.87
CA PHE A 495 -33.56 15.76 -10.20
C PHE A 495 -34.62 15.98 -11.24
N ALA A 496 -34.16 16.46 -12.42
CA ALA A 496 -35.12 16.75 -13.51
C ALA A 496 -34.55 16.23 -14.78
N VAL A 497 -35.42 15.60 -15.56
CA VAL A 497 -35.02 14.95 -16.81
C VAL A 497 -35.67 15.71 -17.92
N LYS A 498 -34.90 16.19 -18.88
CA LYS A 498 -35.52 16.84 -20.09
C LYS A 498 -36.39 15.84 -20.80
N ASN A 499 -37.47 16.32 -21.42
CA ASN A 499 -38.47 15.44 -22.08
C ASN A 499 -37.92 14.10 -22.55
N PRO A 500 -38.24 13.04 -21.80
CA PRO A 500 -37.71 11.73 -22.06
C PRO A 500 -38.60 10.88 -22.95
N PHE A 501 -39.67 11.43 -23.50
CA PHE A 501 -40.76 10.66 -24.10
C PHE A 501 -40.71 10.72 -25.62
N GLY A 502 -39.79 11.54 -26.14
CA GLY A 502 -39.63 11.83 -27.57
C GLY A 502 -40.88 12.44 -28.20
N SER A 503 -41.34 11.84 -29.30
CA SER A 503 -42.46 12.39 -30.04
C SER A 503 -43.76 12.30 -29.21
N SER A 504 -43.84 11.22 -28.42
CA SER A 504 -45.11 10.77 -27.82
C SER A 504 -45.73 11.79 -26.82
N LYS A 505 -47.05 12.02 -26.99
CA LYS A 505 -47.80 13.01 -26.18
C LYS A 505 -48.51 12.33 -25.03
N THR A 506 -48.72 11.03 -25.17
CA THR A 506 -49.47 10.22 -24.22
C THR A 506 -48.55 9.60 -23.16
N ALA A 507 -47.33 9.20 -23.56
CA ALA A 507 -46.36 8.58 -22.62
C ALA A 507 -46.21 9.33 -21.29
N LYS A 508 -46.16 8.52 -20.21
CA LYS A 508 -46.09 9.04 -18.83
C LYS A 508 -45.08 8.25 -18.02
N ALA A 509 -44.61 8.88 -16.95
CA ALA A 509 -43.75 8.23 -15.99
C ALA A 509 -44.46 7.04 -15.37
N LYS A 510 -43.71 5.98 -15.04
CA LYS A 510 -44.26 4.81 -14.37
C LYS A 510 -43.46 4.51 -13.12
N LYS A 511 -44.13 4.47 -11.99
CA LYS A 511 -43.53 4.12 -10.67
C LYS A 511 -43.45 2.60 -10.61
N ILE A 512 -42.24 2.06 -10.57
CA ILE A 512 -42.02 0.63 -10.59
C ILE A 512 -41.84 0.10 -9.15
N GLU A 513 -41.03 0.78 -8.35
CA GLU A 513 -40.83 0.44 -6.90
C GLU A 513 -40.87 1.71 -6.07
N GLY A 514 -41.39 1.58 -4.86
CA GLY A 514 -41.25 2.57 -3.81
C GLY A 514 -42.54 3.40 -3.66
N SER A 515 -42.71 3.97 -2.50
CA SER A 515 -43.92 4.77 -2.32
C SER A 515 -43.57 6.18 -1.90
N ASN A 516 -42.29 6.53 -1.99
CA ASN A 516 -41.85 7.83 -1.52
C ASN A 516 -41.63 8.84 -2.69
N VAL A 517 -41.14 8.35 -3.82
CA VAL A 517 -40.86 9.19 -4.96
C VAL A 517 -42.10 9.93 -5.46
N THR A 518 -41.97 11.25 -5.68
CA THR A 518 -43.03 12.03 -6.32
C THR A 518 -42.57 12.46 -7.72
N ILE A 519 -43.53 12.71 -8.59
CA ILE A 519 -43.21 13.00 -9.97
C ILE A 519 -44.07 14.18 -10.39
N HIS A 520 -43.46 15.25 -10.93
CA HIS A 520 -44.21 16.38 -11.51
C HIS A 520 -43.69 16.74 -12.85
N THR A 521 -44.59 16.97 -13.77
CA THR A 521 -44.15 17.24 -15.11
C THR A 521 -44.49 18.68 -15.45
N THR A 522 -43.56 19.36 -16.13
CA THR A 522 -43.86 20.75 -16.51
C THR A 522 -44.52 20.74 -17.87
N SER A 523 -44.97 21.92 -18.32
CA SER A 523 -45.65 22.03 -19.65
C SER A 523 -44.79 21.55 -20.84
N ASN A 524 -43.48 21.86 -20.83
CA ASN A 524 -42.56 21.33 -21.88
C ASN A 524 -41.96 19.93 -21.60
N LEU A 525 -42.65 19.17 -20.75
CA LEU A 525 -42.41 17.78 -20.52
C LEU A 525 -41.06 17.50 -19.85
N THR A 526 -40.53 18.51 -19.16
CA THR A 526 -39.46 18.22 -18.15
C THR A 526 -40.08 17.50 -16.93
N VAL A 527 -39.49 16.37 -16.56
CA VAL A 527 -40.02 15.57 -15.50
C VAL A 527 -39.18 15.80 -14.26
N VAL A 528 -39.81 16.25 -13.19
CA VAL A 528 -39.09 16.58 -11.95
C VAL A 528 -39.48 15.56 -10.91
N LEU A 529 -38.46 14.88 -10.34
CA LEU A 529 -38.66 13.82 -9.37
C LEU A 529 -38.02 14.20 -8.03
N GLN A 530 -38.73 14.03 -6.93
CA GLN A 530 -38.17 14.21 -5.62
C GLN A 530 -38.30 12.88 -4.87
N TRP A 531 -37.31 12.56 -4.07
CA TRP A 531 -37.41 11.42 -3.22
C TRP A 531 -36.56 11.62 -1.96
N THR A 532 -36.87 10.87 -0.90
CA THR A 532 -36.06 10.93 0.33
C THR A 532 -35.34 9.61 0.45
N ALA A 533 -34.01 9.64 0.45
CA ALA A 533 -33.26 8.35 0.43
C ALA A 533 -33.48 7.53 1.69
N SER A 534 -33.56 6.21 1.50
CA SER A 534 -33.79 5.31 2.63
C SER A 534 -33.34 3.91 2.17
N SER A 535 -33.52 2.88 3.15
N SER A 535 -33.51 2.87 3.14
CA SER A 535 -33.20 1.47 2.79
CA SER A 535 -33.13 1.49 2.74
C SER A 535 -34.07 0.85 1.66
C SER A 535 -34.06 0.84 1.65
N ALA A 536 -35.29 1.67 1.38
CA ALA A 536 -36.28 1.19 0.40
C ALA A 536 -35.97 1.86 -0.94
N ARG A 537 -35.48 1.04 -1.88
CA ARG A 537 -35.21 1.59 -3.24
C ARG A 537 -36.45 2.16 -3.91
N GLN A 538 -36.28 3.27 -4.64
CA GLN A 538 -37.34 3.73 -5.51
C GLN A 538 -36.89 3.52 -6.94
N VAL A 539 -37.82 3.15 -7.80
CA VAL A 539 -37.48 2.96 -9.19
C VAL A 539 -38.59 3.60 -10.04
N VAL A 540 -38.20 4.45 -11.03
CA VAL A 540 -39.15 5.06 -11.92
C VAL A 540 -38.69 4.85 -13.33
N GLN A 541 -39.63 4.54 -14.26
CA GLN A 541 -39.32 4.41 -15.66
C GLN A 541 -39.87 5.62 -16.42
N LEU A 542 -39.04 6.28 -17.24
CA LEU A 542 -39.47 7.41 -18.05
C LEU A 542 -39.16 7.04 -19.47
N GLY A 543 -40.15 6.55 -20.19
CA GLY A 543 -39.81 6.02 -21.58
C GLY A 543 -38.89 4.82 -21.47
N SER A 544 -37.73 4.91 -22.12
CA SER A 544 -36.74 3.83 -22.06
C SER A 544 -35.66 4.14 -21.00
N LEU A 545 -35.83 5.24 -20.24
CA LEU A 545 -34.90 5.54 -19.12
C LEU A 545 -35.43 4.95 -17.83
N VAL A 546 -34.61 4.17 -17.11
CA VAL A 546 -35.01 3.66 -15.78
C VAL A 546 -34.05 4.18 -14.76
N ILE A 547 -34.59 4.83 -13.71
CA ILE A 547 -33.77 5.41 -12.68
C ILE A 547 -33.97 4.61 -11.42
N TYR A 548 -32.84 4.14 -10.84
CA TYR A 548 -32.85 3.47 -9.53
C TYR A 548 -32.33 4.43 -8.49
N MET A 549 -33.13 4.73 -7.44
CA MET A 549 -32.85 5.72 -6.43
C MET A 549 -32.64 4.98 -5.14
N VAL A 550 -31.41 5.00 -4.66
CA VAL A 550 -31.04 4.22 -3.48
C VAL A 550 -30.34 5.09 -2.44
N ASP A 551 -30.27 4.54 -1.20
CA ASP A 551 -29.42 5.23 -0.22
C ASP A 551 -27.93 4.83 -0.41
N ARG A 552 -27.07 5.61 0.23
CA ARG A 552 -25.58 5.41 0.12
C ARG A 552 -25.23 3.95 0.56
N ASN A 553 -25.82 3.50 1.66
CA ASN A 553 -25.44 2.17 2.15
C ASN A 553 -25.85 1.05 1.22
N SER A 554 -26.95 1.25 0.51
CA SER A 554 -27.31 0.31 -0.59
C SER A 554 -26.37 0.44 -1.77
N ALA A 555 -26.04 1.68 -2.10
CA ALA A 555 -25.15 1.83 -3.29
C ALA A 555 -23.79 1.19 -3.05
N TYR A 556 -23.34 1.13 -1.79
CA TYR A 556 -22.08 0.46 -1.43
C TYR A 556 -22.02 -0.99 -1.99
N ASN A 557 -23.17 -1.61 -2.19
CA ASN A 557 -23.17 -3.02 -2.60
C ASN A 557 -23.42 -3.20 -4.11
N TYR A 558 -23.43 -2.08 -4.85
CA TYR A 558 -23.53 -2.18 -6.33
C TYR A 558 -22.12 -2.26 -6.95
N TRP A 559 -22.09 -2.82 -8.15
CA TRP A 559 -20.82 -3.11 -8.86
C TRP A 559 -21.05 -2.92 -10.34
N VAL A 560 -19.98 -2.54 -11.05
CA VAL A 560 -20.10 -2.25 -12.46
C VAL A 560 -18.93 -2.92 -13.23
N PRO A 561 -18.93 -4.25 -13.25
CA PRO A 561 -17.90 -4.97 -14.07
C PRO A 561 -18.02 -4.62 -15.53
N THR A 562 -16.90 -4.48 -16.20
CA THR A 562 -16.91 -4.20 -17.64
C THR A 562 -17.02 -5.45 -18.50
N LEU A 563 -17.71 -5.31 -19.63
CA LEU A 563 -17.77 -6.43 -20.59
C LEU A 563 -16.47 -6.51 -21.43
N PRO A 564 -15.83 -7.70 -21.49
CA PRO A 564 -14.58 -7.80 -22.24
C PRO A 564 -14.73 -7.48 -23.73
N GLY A 565 -13.66 -6.92 -24.29
CA GLY A 565 -13.51 -6.78 -25.74
C GLY A 565 -12.91 -8.12 -26.26
N SER A 566 -12.06 -8.03 -27.26
CA SER A 566 -11.39 -9.26 -27.72
C SER A 566 -9.88 -9.05 -27.85
N GLY A 567 -9.19 -10.16 -27.96
CA GLY A 567 -7.74 -10.11 -28.24
C GLY A 567 -6.98 -9.83 -26.93
N LYS A 568 -5.68 -9.54 -27.08
CA LYS A 568 -4.80 -9.42 -25.91
C LYS A 568 -5.34 -8.40 -24.86
N GLN A 569 -5.91 -7.31 -25.34
CA GLN A 569 -6.41 -6.20 -24.45
C GLN A 569 -7.90 -6.34 -24.17
N SER A 570 -8.42 -7.55 -24.30
CA SER A 570 -9.88 -7.74 -24.03
C SER A 570 -10.36 -7.22 -22.66
N ALA A 571 -9.52 -7.32 -21.66
CA ALA A 571 -9.98 -6.96 -20.30
C ALA A 571 -10.18 -5.43 -20.15
N TYR A 572 -9.61 -4.65 -21.08
CA TYR A 572 -9.77 -3.16 -21.06
C TYR A 572 -11.13 -2.77 -21.64
N GLY A 573 -11.91 -3.78 -22.09
CA GLY A 573 -13.32 -3.47 -22.46
C GLY A 573 -13.45 -2.64 -23.75
N SER A 574 -14.60 -1.98 -23.88
CA SER A 574 -14.92 -1.26 -25.13
C SER A 574 -14.30 0.15 -25.18
N SER A 575 -13.99 0.71 -24.01
CA SER A 575 -13.41 2.07 -23.90
C SER A 575 -13.10 2.23 -22.42
N LEU A 576 -12.33 3.27 -22.05
CA LEU A 576 -12.04 3.44 -20.62
C LEU A 576 -13.14 4.22 -19.94
N MET A 577 -13.74 5.20 -20.66
CA MET A 577 -14.86 5.99 -20.12
C MET A 577 -16.15 5.43 -20.71
N ASN A 578 -17.20 5.37 -19.90
CA ASN A 578 -18.49 4.83 -20.40
C ASN A 578 -18.36 3.44 -21.07
N PRO A 579 -17.65 2.52 -20.44
CA PRO A 579 -17.46 1.19 -21.07
C PRO A 579 -18.77 0.41 -21.09
N ASP A 580 -18.88 -0.52 -22.04
CA ASP A 580 -19.95 -1.54 -21.96
C ASP A 580 -19.80 -2.29 -20.62
N SER A 581 -20.90 -2.55 -19.96
CA SER A 581 -20.83 -3.07 -18.58
C SER A 581 -22.09 -3.87 -18.26
N VAL A 582 -22.11 -4.48 -17.07
CA VAL A 582 -23.33 -5.07 -16.49
C VAL A 582 -23.35 -4.46 -15.10
N ILE A 583 -24.54 -4.08 -14.61
CA ILE A 583 -24.65 -3.54 -13.26
C ILE A 583 -25.14 -4.60 -12.34
N ILE A 584 -24.45 -4.77 -11.20
CA ILE A 584 -24.82 -5.90 -10.33
C ILE A 584 -25.03 -5.35 -8.94
N ASN A 585 -26.19 -5.65 -8.35
CA ASN A 585 -26.50 -5.21 -6.99
C ASN A 585 -26.36 -6.43 -6.08
N GLY A 586 -25.35 -6.40 -5.20
CA GLY A 586 -25.13 -7.46 -4.25
C GLY A 586 -23.74 -8.09 -4.37
N GLY A 587 -23.22 -8.57 -3.25
CA GLY A 587 -21.98 -9.34 -3.25
C GLY A 587 -20.89 -8.53 -2.53
N TYR A 588 -19.92 -9.26 -1.99
CA TYR A 588 -18.78 -8.62 -1.31
C TYR A 588 -17.75 -8.13 -2.34
N LEU A 589 -17.71 -8.82 -3.49
CA LEU A 589 -16.85 -8.35 -4.57
C LEU A 589 -17.40 -8.96 -5.85
N ILE A 590 -17.52 -8.14 -6.91
CA ILE A 590 -17.70 -8.72 -8.25
C ILE A 590 -16.39 -8.53 -8.98
N ARG A 591 -15.73 -9.64 -9.35
CA ARG A 591 -14.43 -9.55 -10.02
C ARG A 591 -14.51 -9.32 -11.50
N SER A 592 -15.45 -10.01 -12.17
CA SER A 592 -15.48 -9.94 -13.64
C SER A 592 -16.81 -10.49 -14.13
N VAL A 593 -17.11 -10.17 -15.37
CA VAL A 593 -18.19 -10.86 -16.10
C VAL A 593 -17.56 -11.32 -17.43
N ALA A 594 -18.21 -12.32 -18.03
CA ALA A 594 -17.83 -12.75 -19.39
C ALA A 594 -19.09 -13.29 -20.05
N ILE A 595 -19.15 -13.16 -21.38
CA ILE A 595 -20.22 -13.77 -22.16
C ILE A 595 -19.65 -15.04 -22.82
N LYS A 596 -20.39 -16.14 -22.65
CA LYS A 596 -19.99 -17.45 -23.24
C LYS A 596 -21.25 -18.00 -23.84
N GLY A 597 -21.40 -17.77 -25.15
CA GLY A 597 -22.58 -18.22 -25.88
C GLY A 597 -23.77 -17.45 -25.34
N ASN A 598 -24.77 -18.20 -24.86
CA ASN A 598 -25.94 -17.56 -24.35
C ASN A 598 -25.90 -17.40 -22.81
N ALA A 599 -24.69 -17.49 -22.22
CA ALA A 599 -24.55 -17.42 -20.74
C ALA A 599 -23.75 -16.18 -20.33
N LEU A 600 -24.24 -15.51 -19.31
CA LEU A 600 -23.45 -14.48 -18.60
C LEU A 600 -22.77 -15.18 -17.41
N SER A 601 -21.43 -15.11 -17.34
CA SER A 601 -20.69 -15.83 -16.30
C SER A 601 -20.05 -14.78 -15.41
N VAL A 602 -20.35 -14.83 -14.14
CA VAL A 602 -19.88 -13.83 -13.16
C VAL A 602 -18.89 -14.48 -12.21
N GLN A 603 -17.75 -13.81 -11.93
CA GLN A 603 -16.84 -14.24 -10.85
C GLN A 603 -17.04 -13.29 -9.69
N ALA A 604 -17.33 -13.84 -8.52
CA ALA A 604 -17.80 -13.05 -7.39
C ALA A 604 -17.25 -13.63 -6.12
N ASP A 605 -17.16 -12.81 -5.07
CA ASP A 605 -16.82 -13.30 -3.74
C ASP A 605 -17.96 -12.89 -2.82
N PHE A 606 -18.23 -13.78 -1.85
CA PHE A 606 -19.30 -13.57 -0.85
C PHE A 606 -18.76 -13.77 0.55
N ASN A 607 -18.90 -12.73 1.40
CA ASN A 607 -18.52 -12.90 2.81
C ASN A 607 -19.72 -13.05 3.67
N VAL A 608 -20.90 -12.77 3.11
CA VAL A 608 -22.21 -12.96 3.80
C VAL A 608 -23.19 -13.42 2.74
N THR A 609 -24.26 -14.04 3.20
CA THR A 609 -25.31 -14.40 2.24
C THR A 609 -26.01 -13.15 1.71
N THR A 610 -26.37 -13.23 0.43
CA THR A 610 -27.05 -12.14 -0.24
C THR A 610 -27.59 -12.68 -1.55
N PRO A 611 -28.70 -12.13 -2.03
CA PRO A 611 -29.06 -12.33 -3.42
C PRO A 611 -28.19 -11.48 -4.34
N LEU A 612 -28.27 -11.79 -5.63
CA LEU A 612 -27.51 -10.99 -6.66
C LEU A 612 -28.54 -10.53 -7.65
N GLU A 613 -28.58 -9.23 -7.93
CA GLU A 613 -29.49 -8.69 -8.93
C GLU A 613 -28.66 -8.20 -10.10
N ILE A 614 -28.99 -8.68 -11.31
CA ILE A 614 -28.25 -8.35 -12.52
C ILE A 614 -29.09 -7.41 -13.35
N ILE A 615 -28.53 -6.23 -13.67
CA ILE A 615 -29.24 -5.13 -14.33
C ILE A 615 -28.53 -4.85 -15.64
N GLY A 616 -29.26 -4.96 -16.76
CA GLY A 616 -28.64 -4.75 -18.06
C GLY A 616 -28.11 -6.03 -18.69
N ILE A 617 -29.01 -6.92 -19.05
CA ILE A 617 -28.63 -8.22 -19.58
C ILE A 617 -28.28 -8.07 -21.06
N PRO A 618 -27.07 -8.47 -21.50
CA PRO A 618 -26.78 -8.34 -22.96
C PRO A 618 -27.81 -9.06 -23.84
N LYS A 619 -28.00 -8.56 -25.07
CA LYS A 619 -28.98 -9.12 -25.95
C LYS A 619 -28.61 -10.60 -26.26
N GLY A 620 -29.63 -11.45 -26.26
CA GLY A 620 -29.47 -12.88 -26.59
C GLY A 620 -28.87 -13.76 -25.46
N ILE A 621 -28.67 -13.17 -24.29
CA ILE A 621 -28.20 -13.96 -23.19
C ILE A 621 -29.41 -14.45 -22.31
N SER A 622 -29.43 -15.74 -21.99
CA SER A 622 -30.54 -16.31 -21.27
C SER A 622 -30.13 -17.20 -20.13
N LYS A 623 -28.83 -17.42 -19.96
CA LYS A 623 -28.34 -18.27 -18.88
C LYS A 623 -27.39 -17.48 -17.98
N LEU A 624 -27.36 -17.89 -16.73
CA LEU A 624 -26.53 -17.21 -15.71
C LEU A 624 -25.60 -18.24 -15.05
N ALA A 625 -24.35 -17.83 -14.79
CA ALA A 625 -23.47 -18.67 -13.97
C ALA A 625 -22.73 -17.77 -12.99
N VAL A 626 -22.53 -18.29 -11.79
CA VAL A 626 -21.73 -17.61 -10.76
C VAL A 626 -20.64 -18.55 -10.28
N ASN A 627 -19.40 -18.12 -10.41
CA ASN A 627 -18.25 -18.95 -10.04
C ASN A 627 -18.29 -20.33 -10.66
N GLY A 628 -18.68 -20.35 -11.92
CA GLY A 628 -18.60 -21.60 -12.72
C GLY A 628 -19.87 -22.48 -12.56
N LYS A 629 -20.81 -22.08 -11.73
CA LYS A 629 -22.02 -22.88 -11.40
C LYS A 629 -23.25 -22.20 -12.04
N GLU A 630 -23.92 -22.91 -12.98
CA GLU A 630 -25.13 -22.35 -13.53
C GLU A 630 -26.21 -22.25 -12.47
N LEU A 631 -27.03 -21.21 -12.56
CA LEU A 631 -28.22 -21.15 -11.69
C LEU A 631 -29.34 -20.37 -12.30
N GLY A 632 -30.55 -20.66 -11.84
CA GLY A 632 -31.68 -19.93 -12.35
C GLY A 632 -31.86 -18.58 -11.67
N TYR A 633 -32.88 -17.87 -12.08
CA TYR A 633 -33.11 -16.53 -11.62
C TYR A 633 -34.58 -16.19 -11.82
N SER A 634 -35.03 -15.21 -11.06
CA SER A 634 -36.35 -14.55 -11.26
C SER A 634 -36.18 -13.35 -12.18
N VAL A 635 -37.15 -13.08 -13.03
CA VAL A 635 -37.08 -11.95 -13.95
C VAL A 635 -38.08 -10.88 -13.51
N SER A 636 -37.60 -9.65 -13.36
CA SER A 636 -38.48 -8.57 -12.95
C SER A 636 -39.15 -7.98 -14.16
N GLU A 637 -40.18 -7.15 -13.93
CA GLU A 637 -40.91 -6.55 -15.05
C GLU A 637 -40.04 -5.63 -15.89
N LEU A 638 -38.87 -5.24 -15.34
CA LEU A 638 -37.88 -4.41 -16.10
C LEU A 638 -36.80 -5.23 -16.78
N GLY A 639 -36.90 -6.56 -16.65
CA GLY A 639 -35.93 -7.44 -17.29
C GLY A 639 -34.69 -7.65 -16.44
N ASP A 640 -34.74 -7.25 -15.15
CA ASP A 640 -33.54 -7.55 -14.31
C ASP A 640 -33.61 -8.99 -13.78
N TRP A 641 -32.46 -9.60 -13.55
CA TRP A 641 -32.41 -10.96 -13.03
C TRP A 641 -32.11 -10.99 -11.55
N ILE A 642 -32.91 -11.72 -10.77
CA ILE A 642 -32.59 -11.86 -9.33
C ILE A 642 -32.27 -13.31 -9.04
N ALA A 643 -31.03 -13.52 -8.61
CA ALA A 643 -30.53 -14.90 -8.47
C ALA A 643 -30.09 -15.12 -7.00
N HIS A 644 -30.01 -16.41 -6.63
CA HIS A 644 -29.76 -16.73 -5.20
C HIS A 644 -28.65 -17.81 -5.18
N PRO A 645 -27.42 -17.40 -5.45
CA PRO A 645 -26.35 -18.43 -5.46
C PRO A 645 -26.19 -19.04 -4.07
N ALA A 646 -25.76 -20.30 -4.06
CA ALA A 646 -25.42 -20.94 -2.80
C ALA A 646 -24.25 -20.18 -2.13
N ILE A 647 -24.41 -19.84 -0.86
CA ILE A 647 -23.35 -19.20 -0.12
C ILE A 647 -23.25 -19.88 1.28
N GLU A 648 -22.37 -20.87 1.40
CA GLU A 648 -22.11 -21.54 2.68
C GLU A 648 -20.85 -20.91 3.24
N ILE A 649 -20.95 -20.39 4.44
CA ILE A 649 -19.78 -19.81 5.12
C ILE A 649 -19.46 -20.78 6.28
N PRO A 650 -18.41 -21.58 6.14
CA PRO A 650 -18.18 -22.70 7.05
C PRO A 650 -17.50 -22.22 8.33
N HIS A 651 -17.62 -23.05 9.34
CA HIS A 651 -16.79 -22.87 10.54
C HIS A 651 -15.38 -23.33 10.21
N VAL A 652 -14.37 -22.53 10.54
CA VAL A 652 -13.03 -22.93 10.28
C VAL A 652 -12.32 -23.28 11.58
N GLN A 653 -11.74 -24.45 11.58
CA GLN A 653 -10.93 -24.90 12.69
C GLN A 653 -9.43 -24.75 12.32
N VAL A 654 -8.67 -24.03 13.14
CA VAL A 654 -7.20 -24.02 12.87
C VAL A 654 -6.43 -24.82 13.90
N PRO A 655 -5.29 -25.35 13.51
CA PRO A 655 -4.46 -26.04 14.51
C PRO A 655 -4.06 -25.12 15.64
N GLU A 656 -3.99 -25.65 16.86
CA GLU A 656 -3.46 -24.91 17.98
C GLU A 656 -1.96 -24.92 17.97
N LEU A 657 -1.36 -23.74 17.92
CA LEU A 657 0.10 -23.65 17.82
C LEU A 657 0.78 -24.19 19.07
N THR A 658 0.15 -24.00 20.22
CA THR A 658 0.84 -24.38 21.47
C THR A 658 1.04 -25.90 21.46
N LYS A 659 0.20 -26.62 20.70
CA LYS A 659 0.26 -28.11 20.62
C LYS A 659 1.09 -28.71 19.49
N LEU A 660 1.75 -27.86 18.69
CA LEU A 660 2.66 -28.42 17.70
C LEU A 660 3.87 -29.08 18.43
N LYS A 661 4.68 -29.78 17.66
CA LYS A 661 5.85 -30.41 18.28
C LYS A 661 7.00 -29.42 18.02
N TRP A 662 7.34 -28.65 19.05
CA TRP A 662 8.36 -27.57 18.91
C TRP A 662 9.76 -28.13 19.16
N TYR A 663 10.68 -27.74 18.28
CA TYR A 663 12.10 -28.06 18.44
C TYR A 663 12.83 -26.78 18.76
N LYS A 664 13.92 -26.90 19.54
CA LYS A 664 14.67 -25.74 19.99
C LYS A 664 16.13 -25.85 19.61
N VAL A 665 16.76 -24.69 19.28
CA VAL A 665 18.23 -24.66 19.17
C VAL A 665 18.71 -23.36 19.77
N ASP A 666 19.84 -23.41 20.45
CA ASP A 666 20.48 -22.23 20.98
C ASP A 666 21.01 -21.42 19.81
N SER A 667 20.54 -20.14 19.74
CA SER A 667 21.02 -19.29 18.66
C SER A 667 21.96 -18.24 19.16
N LEU A 668 22.57 -18.50 20.33
CA LEU A 668 23.75 -17.65 20.74
C LEU A 668 24.93 -18.61 21.21
N PRO A 669 25.32 -19.55 20.35
CA PRO A 669 26.46 -20.42 20.74
C PRO A 669 27.75 -19.64 20.89
N GLU A 670 27.77 -18.38 20.39
CA GLU A 670 28.96 -17.53 20.42
C GLU A 670 29.48 -17.33 21.82
N ILE A 671 28.59 -17.32 22.81
CA ILE A 671 29.03 -16.95 24.17
C ILE A 671 29.55 -18.18 24.96
N ARG A 672 29.50 -19.34 24.35
CA ARG A 672 30.04 -20.54 25.06
C ARG A 672 31.57 -20.62 24.92
N SER A 673 32.24 -21.18 25.97
CA SER A 673 33.69 -21.28 25.96
C SER A 673 34.27 -21.97 24.72
N ASN A 674 33.54 -22.94 24.20
CA ASN A 674 34.05 -23.74 23.04
C ASN A 674 33.91 -23.14 21.66
N TYR A 675 33.28 -21.94 21.59
CA TYR A 675 32.95 -21.43 20.30
C TYR A 675 34.17 -21.03 19.47
N ASP A 676 34.18 -21.47 18.23
CA ASP A 676 35.24 -21.15 17.29
C ASP A 676 34.70 -20.08 16.38
N ASP A 677 35.40 -18.92 16.31
CA ASP A 677 35.01 -17.88 15.38
C ASP A 677 36.04 -17.64 14.23
N SER A 678 36.88 -18.67 13.95
CA SER A 678 37.91 -18.57 12.93
C SER A 678 37.37 -18.28 11.54
N ARG A 679 36.10 -18.62 11.30
CA ARG A 679 35.47 -18.31 9.99
C ARG A 679 34.89 -16.93 9.86
N TRP A 680 34.85 -16.20 11.02
CA TRP A 680 34.17 -14.87 10.93
C TRP A 680 35.02 -13.85 10.19
N PRO A 681 34.37 -12.94 9.46
CA PRO A 681 35.06 -11.80 8.88
C PRO A 681 35.78 -10.98 9.90
N LEU A 682 36.99 -10.55 9.60
CA LEU A 682 37.70 -9.63 10.53
C LEU A 682 37.20 -8.21 10.31
N ALA A 683 37.00 -7.50 11.42
CA ALA A 683 36.60 -6.07 11.26
C ALA A 683 37.89 -5.28 11.36
N ASN A 684 38.62 -5.27 10.25
CA ASN A 684 39.97 -4.71 10.27
C ASN A 684 40.16 -3.52 9.30
N LEU A 685 39.06 -2.94 8.84
CA LEU A 685 39.21 -1.83 7.88
C LEU A 685 39.54 -0.58 8.68
N ARG A 686 40.70 0.01 8.39
CA ARG A 686 41.14 1.14 9.17
C ARG A 686 40.54 2.48 8.70
N THR A 687 39.98 2.47 7.51
CA THR A 687 39.29 3.65 7.00
C THR A 687 37.90 3.20 6.51
N SER A 688 37.05 4.20 6.38
CA SER A 688 35.70 4.00 5.81
C SER A 688 35.42 5.06 4.74
N ASN A 689 34.66 4.67 3.71
CA ASN A 689 34.14 5.65 2.72
C ASN A 689 32.88 6.32 3.20
N ASN A 690 32.42 6.00 4.43
CA ASN A 690 31.17 6.60 4.91
C ASN A 690 31.43 8.08 5.35
N THR A 691 30.96 9.02 4.52
CA THR A 691 31.27 10.42 4.69
C THR A 691 30.25 11.03 5.61
N TYR A 692 29.13 10.33 5.90
CA TYR A 692 28.11 10.86 6.77
C TYR A 692 28.45 10.67 8.24
N ALA A 693 29.14 9.56 8.53
CA ALA A 693 29.47 9.27 9.95
C ALA A 693 30.95 8.89 9.98
N PRO A 694 31.85 9.91 9.99
CA PRO A 694 33.29 9.65 10.07
C PRO A 694 33.68 8.72 11.23
N LEU A 695 34.64 7.84 11.00
CA LEU A 695 34.94 6.85 12.04
C LEU A 695 35.48 7.52 13.29
N LYS A 696 35.01 7.02 14.45
CA LYS A 696 35.56 7.42 15.72
C LYS A 696 36.42 6.30 16.29
N THR A 697 36.36 5.11 15.70
CA THR A 697 37.06 3.96 16.22
C THR A 697 38.27 3.64 15.33
N PRO A 698 39.23 2.83 15.82
CA PRO A 698 40.41 2.51 15.03
C PRO A 698 40.13 1.65 13.80
N VAL A 699 39.02 0.89 13.85
CA VAL A 699 38.59 0.16 12.66
C VAL A 699 37.11 0.43 12.48
N SER A 700 36.62 0.21 11.26
CA SER A 700 35.17 0.37 11.03
C SER A 700 34.41 -0.79 11.67
N LEU A 701 33.37 -0.40 12.42
CA LEU A 701 32.44 -1.37 12.99
C LEU A 701 31.02 -1.09 12.42
N TYR A 702 30.99 -0.65 11.17
CA TYR A 702 29.73 -0.39 10.46
C TYR A 702 29.38 -1.60 9.57
N GLY A 703 28.24 -2.21 9.82
CA GLY A 703 27.92 -3.47 9.06
C GLY A 703 28.07 -3.28 7.53
N SER A 704 27.59 -2.13 7.01
CA SER A 704 27.53 -1.98 5.53
C SER A 704 28.93 -1.85 4.95
N ASP A 705 29.93 -1.44 5.75
CA ASP A 705 31.30 -1.38 5.26
C ASP A 705 31.82 -2.76 4.90
N TYR A 706 31.22 -3.79 5.47
CA TYR A 706 31.66 -5.20 5.27
C TYR A 706 30.61 -5.98 4.49
N GLY A 707 29.61 -5.27 3.92
CA GLY A 707 28.65 -5.97 3.06
C GLY A 707 27.40 -6.51 3.77
N PHE A 708 27.18 -6.09 5.01
CA PHE A 708 26.01 -6.57 5.80
C PHE A 708 25.04 -5.44 5.97
N HIS A 709 23.88 -5.59 5.27
CA HIS A 709 22.90 -4.47 5.21
C HIS A 709 21.60 -4.82 5.88
N ALA A 710 21.43 -6.07 6.36
CA ALA A 710 20.11 -6.59 6.72
C ALA A 710 20.11 -7.23 8.12
N GLY A 711 19.11 -6.89 8.92
CA GLY A 711 18.85 -7.66 10.14
C GLY A 711 19.94 -7.50 11.19
N THR A 712 19.97 -8.51 12.10
CA THR A 712 20.81 -8.35 13.30
C THR A 712 22.29 -8.54 12.98
N LEU A 713 23.14 -7.74 13.62
CA LEU A 713 24.58 -7.88 13.48
C LEU A 713 25.17 -8.40 14.78
N LEU A 714 26.33 -9.08 14.70
CA LEU A 714 27.10 -9.41 15.89
C LEU A 714 28.54 -9.00 15.72
N PHE A 715 29.14 -8.63 16.84
CA PHE A 715 30.53 -8.23 16.92
C PHE A 715 31.21 -9.02 18.02
N ARG A 716 32.46 -9.38 17.79
CA ARG A 716 33.24 -10.12 18.81
C ARG A 716 34.55 -9.38 19.00
N GLY A 717 34.74 -8.83 20.22
CA GLY A 717 35.91 -7.98 20.49
C GLY A 717 36.81 -8.68 21.49
N ARG A 718 38.02 -8.99 21.07
CA ARG A 718 39.03 -9.61 21.93
C ARG A 718 39.88 -8.55 22.62
N PHE A 719 40.11 -8.68 23.93
CA PHE A 719 41.08 -7.82 24.59
C PHE A 719 41.79 -8.65 25.66
N THR A 720 42.92 -8.13 26.13
CA THR A 720 43.64 -8.74 27.23
C THR A 720 43.44 -7.90 28.43
N ALA A 721 42.97 -8.53 29.52
CA ALA A 721 42.69 -7.74 30.73
C ALA A 721 43.96 -7.12 31.34
N ARG A 722 43.89 -5.80 31.53
CA ARG A 722 45.02 -5.08 32.20
C ARG A 722 44.86 -4.97 33.67
N THR A 723 43.65 -4.76 34.13
CA THR A 723 43.34 -4.67 35.57
C THR A 723 42.08 -5.53 35.85
N ALA A 724 41.85 -5.87 37.12
CA ALA A 724 40.75 -6.76 37.44
C ALA A 724 39.38 -6.14 37.14
N ARG A 725 39.29 -4.80 37.24
CA ARG A 725 38.06 -4.13 36.91
C ARG A 725 38.38 -3.17 35.76
N GLN A 726 37.53 -3.20 34.75
CA GLN A 726 37.70 -2.28 33.60
C GLN A 726 36.35 -1.70 33.27
N GLN A 727 36.37 -0.54 32.61
CA GLN A 727 35.12 0.16 32.32
C GLN A 727 34.94 0.17 30.81
N LEU A 728 33.75 -0.25 30.35
CA LEU A 728 33.44 -0.24 28.92
C LEU A 728 32.37 0.82 28.62
N PHE A 729 32.70 1.73 27.71
CA PHE A 729 31.74 2.61 27.08
C PHE A 729 31.47 2.02 25.69
N LEU A 730 30.20 1.87 25.33
CA LEU A 730 29.84 1.24 24.06
C LEU A 730 28.67 2.00 23.44
N SER A 731 28.93 2.61 22.28
CA SER A 731 27.91 3.36 21.53
C SER A 731 27.45 2.53 20.36
N THR A 732 26.18 2.11 20.40
CA THR A 732 25.62 1.24 19.36
C THR A 732 24.54 1.99 18.58
N GLN A 733 24.31 1.51 17.35
CA GLN A 733 23.28 2.14 16.57
C GLN A 733 22.62 1.11 15.67
N GLY A 734 21.29 1.03 15.73
CA GLY A 734 20.56 0.03 14.96
C GLY A 734 19.37 0.58 14.23
N GLY A 735 19.12 1.88 14.34
CA GLY A 735 17.85 2.46 13.78
C GLY A 735 16.81 2.50 14.89
N SER A 736 15.76 3.29 14.65
CA SER A 736 14.69 3.41 15.63
C SER A 736 14.25 2.05 16.14
N ALA A 737 14.07 1.97 17.49
CA ALA A 737 13.48 0.78 18.15
C ALA A 737 14.40 -0.48 18.04
N PHE A 738 15.71 -0.23 17.80
CA PHE A 738 16.66 -1.36 17.85
C PHE A 738 16.93 -1.71 19.33
N ALA A 739 17.68 -2.79 19.51
CA ALA A 739 18.19 -3.12 20.86
C ALA A 739 19.57 -3.71 20.66
N SER A 740 20.35 -3.78 21.83
N SER A 740 20.33 -3.80 21.84
CA SER A 740 21.69 -4.35 21.76
CA SER A 740 21.63 -4.41 21.79
C SER A 740 21.98 -4.97 23.06
C SER A 740 21.80 -5.10 23.06
N SER A 741 22.66 -6.21 23.04
CA SER A 741 22.96 -6.97 24.27
C SER A 741 24.45 -7.28 24.25
N VAL A 742 25.04 -7.42 25.44
CA VAL A 742 26.53 -7.59 25.57
C VAL A 742 26.82 -8.74 26.55
N TRP A 743 27.70 -9.66 26.16
CA TRP A 743 28.26 -10.69 27.02
C TRP A 743 29.79 -10.53 27.06
N LEU A 744 30.38 -10.86 28.20
CA LEU A 744 31.83 -10.96 28.36
C LEU A 744 32.10 -12.46 28.54
N ASN A 745 32.73 -13.10 27.56
CA ASN A 745 32.77 -14.57 27.54
C ASN A 745 31.32 -15.07 27.66
N ASP A 746 30.98 -15.89 28.68
CA ASP A 746 29.60 -16.35 28.84
C ASP A 746 28.79 -15.57 29.89
N ARG A 747 29.37 -14.48 30.43
CA ARG A 747 28.75 -13.69 31.47
C ARG A 747 27.92 -12.59 30.82
N PHE A 748 26.64 -12.57 31.13
CA PHE A 748 25.78 -11.49 30.63
C PHE A 748 26.16 -10.20 31.31
N ILE A 749 26.40 -9.14 30.50
CA ILE A 749 26.75 -7.81 31.03
C ILE A 749 25.57 -6.88 31.07
N GLY A 750 24.82 -6.81 29.97
CA GLY A 750 23.67 -5.91 29.94
C GLY A 750 23.08 -5.74 28.56
N SER A 751 21.91 -5.16 28.51
CA SER A 751 21.24 -4.83 27.23
C SER A 751 20.78 -3.39 27.24
N PHE A 752 20.80 -2.77 26.04
CA PHE A 752 20.00 -1.58 25.83
C PHE A 752 18.71 -2.10 25.24
N THR A 753 17.61 -1.96 26.01
CA THR A 753 16.38 -2.65 25.60
C THR A 753 15.50 -1.90 24.61
N GLY A 754 15.86 -0.65 24.31
CA GLY A 754 15.24 0.01 23.16
C GLY A 754 13.98 0.81 23.54
N PHE A 755 13.73 1.81 22.71
CA PHE A 755 12.40 2.44 22.72
C PHE A 755 12.14 3.13 21.39
N ASP A 756 10.88 3.54 21.15
CA ASP A 756 10.56 4.05 19.83
C ASP A 756 11.47 5.19 19.37
N ALA A 757 11.83 6.08 20.31
CA ALA A 757 12.55 7.28 19.93
C ALA A 757 14.07 7.13 19.87
N ALA A 758 14.60 5.95 20.14
CA ALA A 758 16.05 5.76 20.18
C ALA A 758 16.51 4.95 18.95
N SER A 759 17.40 5.56 18.20
CA SER A 759 18.03 4.87 17.06
C SER A 759 19.45 4.50 17.38
N ALA A 760 19.96 5.02 18.52
CA ALA A 760 21.36 4.74 18.95
C ALA A 760 21.36 4.78 20.45
N ALA A 761 22.39 4.24 21.07
CA ALA A 761 22.47 4.32 22.53
C ALA A 761 23.91 4.36 22.96
N ASN A 762 24.14 5.13 24.03
CA ASN A 762 25.44 5.13 24.68
C ASN A 762 25.29 4.33 25.97
N SER A 763 26.02 3.24 26.10
CA SER A 763 25.88 2.36 27.26
C SER A 763 27.22 2.31 27.99
N SER A 764 27.17 2.24 29.32
CA SER A 764 28.41 2.11 30.06
C SER A 764 28.29 0.90 30.98
N TYR A 765 29.32 0.05 30.96
CA TYR A 765 29.27 -1.21 31.69
C TYR A 765 30.56 -1.38 32.44
N THR A 766 30.46 -2.03 33.59
CA THR A 766 31.64 -2.44 34.31
C THR A 766 32.00 -3.86 33.98
N LEU A 767 33.28 -4.11 33.68
CA LEU A 767 33.71 -5.50 33.39
C LEU A 767 34.60 -5.85 34.58
N ASP A 768 34.01 -6.61 35.52
CA ASP A 768 34.68 -6.79 36.82
C ASP A 768 35.22 -8.22 36.95
N ARG A 769 36.07 -8.38 38.00
CA ARG A 769 36.55 -9.76 38.37
C ARG A 769 37.29 -10.45 37.22
N LEU A 770 38.11 -9.66 36.52
CA LEU A 770 38.96 -10.19 35.40
C LEU A 770 40.29 -10.68 35.94
N VAL A 771 40.85 -11.69 35.23
CA VAL A 771 42.18 -12.22 35.53
C VAL A 771 43.16 -11.40 34.71
N ARG A 772 44.04 -10.63 35.38
CA ARG A 772 44.95 -9.77 34.59
C ARG A 772 45.78 -10.69 33.65
N GLY A 773 46.00 -10.23 32.40
CA GLY A 773 46.77 -11.04 31.45
C GLY A 773 45.98 -12.03 30.62
N ARG A 774 44.71 -12.30 31.01
CA ARG A 774 43.93 -13.27 30.34
C ARG A 774 43.15 -12.57 29.20
N ARG A 775 42.93 -13.33 28.15
CA ARG A 775 42.14 -12.80 27.03
C ARG A 775 40.67 -13.04 27.28
N TYR A 776 39.85 -12.04 26.91
CA TYR A 776 38.40 -12.09 27.03
C TYR A 776 37.77 -11.71 25.73
N ILE A 777 36.55 -12.18 25.49
CA ILE A 777 35.86 -11.86 24.23
C ILE A 777 34.51 -11.26 24.57
N LEU A 778 34.29 -10.02 24.11
CA LEU A 778 32.96 -9.37 24.23
C LEU A 778 32.16 -9.85 23.02
N THR A 779 30.95 -10.33 23.25
CA THR A 779 30.01 -10.54 22.13
C THR A 779 28.94 -9.49 22.22
N VAL A 780 28.78 -8.71 21.16
CA VAL A 780 27.81 -7.60 21.15
C VAL A 780 26.83 -7.86 20.02
N VAL A 781 25.56 -8.03 20.35
CA VAL A 781 24.52 -8.22 19.37
C VAL A 781 23.83 -6.89 19.18
N VAL A 782 23.65 -6.47 17.91
CA VAL A 782 23.02 -5.14 17.67
C VAL A 782 21.96 -5.38 16.60
N ASP A 783 20.69 -5.23 16.98
CA ASP A 783 19.67 -5.38 15.96
C ASP A 783 19.67 -4.19 15.01
N SER A 784 19.22 -4.40 13.77
CA SER A 784 18.92 -3.26 12.90
C SER A 784 17.46 -3.38 12.46
N THR A 785 16.74 -2.26 12.55
CA THR A 785 15.36 -2.22 12.09
C THR A 785 15.27 -1.68 10.64
N GLY A 786 16.43 -1.61 10.01
CA GLY A 786 16.53 -1.28 8.57
C GLY A 786 17.42 -0.06 8.41
N LEU A 787 17.67 0.33 7.17
CA LEU A 787 18.44 1.57 6.87
C LEU A 787 17.48 2.76 6.74
N ASP A 788 17.96 3.93 7.15
CA ASP A 788 17.09 5.12 7.13
C ASP A 788 16.85 5.54 5.68
N GLU A 789 15.74 6.28 5.51
CA GLU A 789 15.49 6.98 4.26
C GLU A 789 16.44 8.17 4.03
N ASN A 790 16.33 8.77 2.83
CA ASN A 790 17.19 9.90 2.44
C ASN A 790 16.29 10.90 1.76
N TRP A 791 15.29 11.39 2.49
CA TRP A 791 14.28 12.17 1.85
C TRP A 791 14.75 13.59 1.51
N THR A 792 15.80 14.10 2.18
CA THR A 792 16.31 15.45 1.82
C THR A 792 17.63 15.33 1.12
N THR A 793 17.62 15.62 -0.18
CA THR A 793 18.83 15.54 -0.97
C THR A 793 19.90 16.42 -0.34
N GLY A 794 21.14 15.89 -0.27
CA GLY A 794 22.24 16.67 0.37
C GLY A 794 22.49 16.27 1.78
N ASP A 795 21.49 15.66 2.40
CA ASP A 795 21.62 15.18 3.77
C ASP A 795 21.63 13.66 3.59
N ASP A 796 22.80 13.07 3.70
CA ASP A 796 22.98 11.63 3.32
C ASP A 796 22.47 10.71 4.48
N SER A 797 21.28 10.95 4.98
CA SER A 797 20.75 10.23 6.13
C SER A 797 20.69 8.72 5.94
N MET A 798 20.57 8.23 4.71
CA MET A 798 20.50 6.74 4.48
C MET A 798 21.84 6.11 4.89
N LYS A 799 22.91 6.91 4.93
CA LYS A 799 24.23 6.39 5.26
C LYS A 799 24.44 6.22 6.78
N ALA A 800 23.43 6.51 7.60
CA ALA A 800 23.58 6.25 9.04
C ALA A 800 23.97 4.77 9.24
N PRO A 801 25.12 4.53 9.85
CA PRO A 801 25.57 3.12 9.93
C PRO A 801 24.87 2.29 11.03
N ARG A 802 25.08 0.98 10.92
CA ARG A 802 24.53 0.08 11.88
C ARG A 802 25.72 -0.66 12.49
N GLY A 803 25.71 -0.78 13.82
CA GLY A 803 26.79 -1.48 14.47
C GLY A 803 27.27 -0.67 15.64
N ILE A 804 28.59 -0.55 15.76
CA ILE A 804 29.21 0.16 16.86
C ILE A 804 29.79 1.48 16.33
N LEU A 805 29.25 2.57 16.84
CA LEU A 805 29.72 3.90 16.48
C LEU A 805 30.99 4.31 17.24
N ASP A 806 31.13 3.85 18.48
CA ASP A 806 32.27 4.28 19.27
C ASP A 806 32.36 3.32 20.43
N TYR A 807 33.56 3.25 20.99
CA TYR A 807 33.73 2.52 22.27
C TYR A 807 34.98 3.00 22.97
N ALA A 808 35.05 2.68 24.28
CA ALA A 808 36.30 2.91 25.00
C ALA A 808 36.34 1.88 26.10
N LEU A 809 37.49 1.21 26.19
CA LEU A 809 37.67 0.25 27.25
C LEU A 809 38.88 0.78 28.06
N THR A 810 38.64 0.96 29.36
CA THR A 810 39.72 1.59 30.16
C THR A 810 39.99 0.74 31.40
N SER A 811 41.25 0.73 31.79
CA SER A 811 41.61 -0.01 33.01
C SER A 811 41.28 0.83 34.24
N SER A 812 41.42 0.26 35.45
CA SER A 812 40.94 0.99 36.64
C SER A 812 41.88 2.17 36.94
N SER A 813 43.03 2.22 36.28
CA SER A 813 43.97 3.33 36.42
C SER A 813 43.77 4.32 35.25
N GLY A 814 42.86 4.00 34.31
CA GLY A 814 42.54 4.88 33.20
C GLY A 814 43.24 4.66 31.88
N ALA A 815 44.04 3.59 31.79
CA ALA A 815 44.80 3.32 30.59
C ALA A 815 43.84 2.78 29.57
N ASN A 816 44.09 3.13 28.32
CA ASN A 816 43.23 2.62 27.25
C ASN A 816 43.60 1.16 26.89
N VAL A 817 42.61 0.28 26.71
CA VAL A 817 42.87 -1.12 26.47
C VAL A 817 42.33 -1.37 25.04
N SER A 818 43.17 -1.94 24.16
CA SER A 818 42.78 -2.19 22.73
C SER A 818 41.89 -3.39 22.63
N ILE A 819 40.97 -3.28 21.69
CA ILE A 819 40.10 -4.41 21.35
C ILE A 819 40.28 -4.69 19.85
N SER A 820 40.41 -5.96 19.48
CA SER A 820 40.45 -6.32 18.08
C SER A 820 39.15 -7.07 17.75
N TRP A 821 38.61 -6.89 16.54
CA TRP A 821 37.23 -7.21 16.30
C TRP A 821 36.97 -8.16 15.15
N LYS A 822 35.91 -8.92 15.24
CA LYS A 822 35.31 -9.67 14.12
C LYS A 822 33.84 -9.30 14.10
N LEU A 823 33.18 -9.53 12.98
CA LEU A 823 31.74 -9.15 12.88
C LEU A 823 31.07 -10.09 11.89
N THR A 824 29.74 -10.14 12.03
CA THR A 824 28.93 -10.75 10.97
C THR A 824 27.56 -10.16 10.90
N GLY A 825 27.02 -10.16 9.69
CA GLY A 825 25.59 -10.01 9.46
C GLY A 825 25.15 -11.33 8.80
N ASN A 826 24.23 -11.24 7.82
CA ASN A 826 23.78 -12.42 7.12
C ASN A 826 25.00 -13.13 6.47
N LEU A 827 24.95 -14.46 6.44
CA LEU A 827 26.06 -15.21 5.97
C LEU A 827 26.35 -14.86 4.51
N GLY A 828 27.62 -14.53 4.23
CA GLY A 828 28.00 -14.17 2.88
C GLY A 828 27.87 -12.69 2.57
N GLY A 829 27.15 -11.93 3.38
CA GLY A 829 26.92 -10.48 3.11
C GLY A 829 26.25 -10.27 1.79
N GLU A 830 26.90 -9.48 0.91
CA GLU A 830 26.34 -9.23 -0.44
C GLU A 830 26.39 -10.49 -1.30
N ASP A 831 27.19 -11.51 -0.92
CA ASP A 831 27.07 -12.86 -1.54
C ASP A 831 26.10 -13.65 -0.73
N TYR A 832 24.87 -13.11 -0.65
CA TYR A 832 23.90 -13.68 0.27
C TYR A 832 23.46 -15.09 -0.19
N ARG A 833 23.03 -15.92 0.75
CA ARG A 833 22.89 -17.35 0.42
C ARG A 833 21.56 -17.73 -0.19
N ASP A 834 20.52 -16.92 0.04
CA ASP A 834 19.17 -17.39 -0.41
C ASP A 834 18.76 -16.49 -1.57
N VAL A 835 19.13 -16.94 -2.77
CA VAL A 835 18.78 -16.15 -3.97
C VAL A 835 17.26 -16.06 -4.15
N PHE A 836 16.55 -17.12 -3.79
CA PHE A 836 15.11 -17.14 -3.99
C PHE A 836 14.39 -16.10 -3.15
N ARG A 837 14.80 -15.99 -1.85
CA ARG A 837 14.09 -15.08 -0.94
C ARG A 837 14.73 -13.73 -0.86
N GLY A 838 15.89 -13.54 -1.49
CA GLY A 838 16.39 -12.14 -1.68
C GLY A 838 17.42 -11.74 -0.66
N PRO A 839 17.96 -10.54 -0.89
CA PRO A 839 19.16 -10.11 -0.14
C PRO A 839 18.89 -9.61 1.28
N LEU A 840 17.63 -9.38 1.68
CA LEU A 840 17.36 -8.77 3.00
C LEU A 840 16.70 -9.75 3.98
N ASN A 841 16.16 -10.87 3.45
CA ASN A 841 15.31 -11.76 4.30
C ASN A 841 16.00 -12.17 5.59
N GLU A 842 17.29 -12.62 5.50
CA GLU A 842 18.04 -13.07 6.68
C GLU A 842 18.89 -12.02 7.29
N GLY A 843 18.86 -11.98 8.62
CA GLY A 843 19.91 -11.26 9.32
C GLY A 843 21.08 -12.15 9.72
N GLY A 844 21.78 -11.74 10.77
CA GLY A 844 23.05 -12.40 11.13
C GLY A 844 22.96 -13.34 12.34
N LEU A 845 21.77 -13.57 12.92
CA LEU A 845 21.75 -14.48 14.08
C LEU A 845 22.15 -15.90 13.65
N PHE A 846 22.78 -16.62 14.61
CA PHE A 846 23.25 -17.98 14.30
C PHE A 846 22.26 -18.82 13.50
N PHE A 847 21.00 -18.89 13.96
CA PHE A 847 20.10 -19.87 13.29
C PHE A 847 19.85 -19.41 11.84
N GLU A 848 19.87 -18.08 11.58
CA GLU A 848 19.69 -17.58 10.17
C GLU A 848 20.92 -17.93 9.33
N ARG A 849 22.13 -17.71 9.88
CA ARG A 849 23.34 -18.01 9.10
C ARG A 849 23.39 -19.49 8.70
N GLN A 850 22.88 -20.38 9.56
CA GLN A 850 22.98 -21.82 9.31
C GLN A 850 21.87 -22.24 8.34
N GLY A 851 20.88 -21.37 8.12
CA GLY A 851 19.73 -21.77 7.27
C GLY A 851 18.69 -22.56 8.05
N PHE A 852 18.75 -22.49 9.39
CA PHE A 852 17.82 -23.26 10.24
C PHE A 852 16.42 -22.74 10.27
N HIS A 853 16.22 -21.53 9.72
CA HIS A 853 14.87 -21.03 9.47
C HIS A 853 14.19 -21.58 8.22
N LEU A 854 14.90 -22.37 7.39
CA LEU A 854 14.34 -22.83 6.15
C LEU A 854 13.48 -24.07 6.33
N PRO A 855 12.62 -24.37 5.38
CA PRO A 855 11.74 -25.55 5.55
C PRO A 855 12.56 -26.82 5.74
N SER A 856 12.03 -27.73 6.55
CA SER A 856 12.66 -29.08 6.78
C SER A 856 14.07 -28.92 7.34
N PRO A 857 14.17 -28.22 8.47
CA PRO A 857 15.48 -27.99 9.11
C PRO A 857 16.00 -29.33 9.67
N PRO A 858 17.29 -29.37 9.98
CA PRO A 858 17.93 -30.62 10.45
C PRO A 858 17.62 -30.83 11.93
N LEU A 859 16.57 -31.62 12.20
CA LEU A 859 16.08 -31.73 13.54
C LEU A 859 17.11 -32.37 14.50
N SER A 860 18.08 -33.12 13.99
CA SER A 860 19.12 -33.68 14.86
C SER A 860 19.96 -32.57 15.53
N ASP A 861 19.94 -31.37 14.96
CA ASP A 861 20.64 -30.23 15.57
C ASP A 861 19.82 -29.45 16.60
N PHE A 862 18.54 -29.82 16.73
CA PHE A 862 17.69 -29.23 17.72
C PHE A 862 17.43 -30.19 18.87
N THR A 863 16.75 -29.67 19.87
CA THR A 863 16.34 -30.45 21.05
C THR A 863 14.83 -30.45 21.11
N HIS A 864 14.23 -31.54 21.59
CA HIS A 864 12.81 -31.52 21.85
C HIS A 864 12.58 -32.02 23.28
N GLY A 865 11.65 -31.41 23.97
CA GLY A 865 11.29 -31.86 25.33
C GLY A 865 9.89 -31.39 25.65
N PRO A 866 9.26 -31.99 26.68
CA PRO A 866 7.82 -31.75 26.90
C PRO A 866 7.59 -30.31 27.34
N SER A 867 6.53 -29.66 26.85
CA SER A 867 6.21 -28.30 27.29
C SER A 867 5.89 -28.31 28.78
N SER A 868 6.07 -27.14 29.38
CA SER A 868 6.06 -26.83 30.82
C SER A 868 6.91 -27.73 31.69
N SER A 869 7.84 -28.44 31.06
CA SER A 869 8.82 -29.22 31.81
C SER A 869 10.16 -28.45 31.87
N SER A 870 11.12 -28.98 32.64
CA SER A 870 12.43 -28.40 32.77
C SER A 870 13.20 -28.41 31.40
N SER A 871 12.92 -29.42 30.56
CA SER A 871 13.60 -29.55 29.26
C SER A 871 12.70 -29.12 28.09
N SER A 872 11.77 -28.21 28.38
CA SER A 872 10.84 -27.73 27.34
C SER A 872 11.57 -27.17 26.13
N SER A 873 11.04 -27.46 24.96
CA SER A 873 11.61 -26.92 23.69
C SER A 873 10.55 -26.01 23.01
N SER A 874 9.65 -25.46 23.77
CA SER A 874 8.58 -24.59 23.23
C SER A 874 8.85 -23.11 23.53
N PRO A 875 8.51 -22.22 22.58
CA PRO A 875 8.64 -20.74 22.83
C PRO A 875 7.73 -20.24 23.96
N LEU A 876 6.66 -21.02 24.28
CA LEU A 876 5.73 -20.66 25.36
C LEU A 876 6.40 -20.80 26.72
N ASP A 877 7.47 -21.63 26.78
CA ASP A 877 8.23 -21.75 28.08
C ASP A 877 9.49 -20.90 28.09
N GLY A 878 10.03 -20.71 26.87
CA GLY A 878 11.15 -19.74 26.71
C GLY A 878 12.42 -20.14 27.45
N ILE A 879 13.18 -19.12 27.85
CA ILE A 879 14.51 -19.34 28.41
C ILE A 879 14.60 -18.60 29.73
N ALA A 880 15.48 -19.07 30.62
CA ALA A 880 15.56 -18.47 31.95
C ALA A 880 16.77 -17.55 32.15
N HIS A 881 17.44 -17.19 31.05
CA HIS A 881 18.58 -16.28 31.12
C HIS A 881 18.53 -15.41 29.89
N ALA A 882 19.27 -14.30 29.93
CA ALA A 882 19.44 -13.53 28.68
C ALA A 882 20.04 -14.40 27.59
N GLY A 883 19.59 -14.22 26.33
CA GLY A 883 20.18 -15.03 25.28
C GLY A 883 19.21 -15.09 24.10
N ILE A 884 19.46 -16.00 23.18
CA ILE A 884 18.64 -16.10 21.98
C ILE A 884 18.47 -17.54 21.63
N ALA A 885 17.19 -17.96 21.50
CA ALA A 885 16.88 -19.30 21.12
C ALA A 885 16.06 -19.29 19.83
N PHE A 886 16.12 -20.31 19.04
CA PHE A 886 15.26 -20.40 17.89
C PHE A 886 14.40 -21.64 18.04
N TYR A 887 13.12 -21.48 17.72
CA TYR A 887 12.14 -22.58 17.79
C TYR A 887 11.54 -22.88 16.44
N ALA A 888 11.39 -24.16 16.06
CA ALA A 888 10.76 -24.45 14.76
C ALA A 888 9.76 -25.57 14.99
N ALA A 889 8.73 -25.55 14.16
CA ALA A 889 7.69 -26.61 14.24
C ALA A 889 7.04 -26.81 12.89
N LYS A 890 6.59 -28.02 12.61
CA LYS A 890 5.83 -28.29 11.37
C LYS A 890 4.36 -27.96 11.67
N LEU A 891 3.73 -27.17 10.78
CA LEU A 891 2.32 -26.81 10.92
C LEU A 891 1.60 -27.30 9.68
N PRO A 892 0.94 -28.46 9.77
CA PRO A 892 0.18 -28.90 8.58
C PRO A 892 -1.12 -28.09 8.51
N LEU A 893 -1.51 -27.70 7.31
CA LEU A 893 -2.81 -27.02 7.15
C LEU A 893 -3.58 -27.80 6.09
N HIS A 894 -4.88 -27.89 6.32
CA HIS A 894 -5.76 -28.56 5.34
C HIS A 894 -7.07 -27.81 5.30
N LEU A 895 -7.04 -26.70 4.56
CA LEU A 895 -8.14 -25.74 4.56
C LEU A 895 -8.70 -25.69 3.14
N PRO A 896 -9.99 -25.30 2.99
CA PRO A 896 -10.65 -25.37 1.67
C PRO A 896 -10.34 -24.13 0.79
N ALA A 897 -9.05 -23.97 0.50
CA ALA A 897 -8.55 -22.76 -0.15
C ALA A 897 -9.01 -22.65 -1.62
N GLN A 898 -9.37 -23.78 -2.24
CA GLN A 898 -9.91 -23.74 -3.59
C GLN A 898 -11.24 -22.93 -3.60
N GLU A 899 -12.06 -23.14 -2.60
CA GLU A 899 -13.40 -22.50 -2.57
C GLU A 899 -13.45 -21.25 -1.73
N TYR A 900 -12.53 -21.07 -0.74
CA TYR A 900 -12.62 -19.97 0.23
C TYR A 900 -11.28 -19.27 0.36
N ASP A 901 -11.37 -17.97 0.49
CA ASP A 901 -10.23 -17.12 0.90
C ASP A 901 -10.36 -16.99 2.43
N ILE A 902 -9.42 -17.58 3.16
CA ILE A 902 -9.44 -17.58 4.65
C ILE A 902 -8.15 -16.94 5.13
N PRO A 903 -8.16 -15.65 5.40
CA PRO A 903 -6.93 -14.99 5.86
C PRO A 903 -6.45 -15.50 7.21
N LEU A 904 -5.16 -15.82 7.26
CA LEU A 904 -4.53 -16.31 8.47
C LEU A 904 -3.48 -15.32 9.03
N SER A 905 -3.31 -15.36 10.34
CA SER A 905 -2.34 -14.48 11.03
C SER A 905 -1.84 -15.12 12.29
N PHE A 906 -0.67 -14.72 12.72
CA PHE A 906 -0.04 -15.22 13.95
C PHE A 906 -0.14 -14.15 15.00
N VAL A 907 -0.70 -14.51 16.19
CA VAL A 907 -0.97 -13.49 17.20
C VAL A 907 -0.16 -13.77 18.43
N PHE A 908 0.64 -12.79 18.87
CA PHE A 908 1.41 -12.86 20.11
C PHE A 908 0.57 -12.22 21.19
N ASP A 909 0.53 -12.88 22.35
CA ASP A 909 -0.14 -12.28 23.52
C ASP A 909 0.82 -11.32 24.27
N ASN A 910 0.38 -10.11 24.53
CA ASN A 910 1.30 -9.20 25.18
C ASN A 910 0.97 -9.06 26.61
N ALA A 911 1.88 -9.65 27.44
CA ALA A 911 1.73 -9.77 28.97
C ALA A 911 2.29 -8.58 29.70
N THR A 912 1.49 -7.92 30.52
CA THR A 912 1.76 -6.52 30.83
C THR A 912 2.99 -6.54 31.68
N ALA A 913 3.00 -7.51 32.54
CA ALA A 913 4.12 -7.61 33.38
C ALA A 913 4.70 -8.80 32.74
N ALA A 914 5.73 -8.55 31.90
CA ALA A 914 6.56 -9.61 31.41
C ALA A 914 7.88 -8.97 30.93
N ALA A 915 8.95 -9.65 31.30
CA ALA A 915 10.29 -9.27 30.83
C ALA A 915 10.31 -9.01 29.30
N PRO A 916 11.18 -8.07 28.90
CA PRO A 916 11.24 -7.66 27.50
C PRO A 916 11.87 -8.70 26.62
N TYR A 917 11.33 -8.86 25.41
CA TYR A 917 12.00 -9.74 24.45
C TYR A 917 11.67 -9.28 23.02
N ARG A 918 12.52 -9.70 22.09
CA ARG A 918 12.28 -9.49 20.70
C ARG A 918 12.11 -10.85 20.04
N ALA A 919 11.23 -10.97 19.05
CA ALA A 919 11.09 -12.23 18.37
C ALA A 919 11.04 -11.97 16.87
N LEU A 920 11.43 -13.01 16.16
CA LEU A 920 11.32 -13.04 14.66
C LEU A 920 10.42 -14.18 14.30
N LEU A 921 9.52 -13.94 13.35
CA LEU A 921 8.60 -14.94 12.89
C LEU A 921 9.01 -15.37 11.48
N TYR A 922 9.17 -16.68 11.27
CA TYR A 922 9.45 -17.23 9.96
C TYR A 922 8.37 -18.19 9.52
N VAL A 923 8.01 -18.15 8.24
CA VAL A 923 7.04 -19.09 7.68
C VAL A 923 7.60 -19.59 6.37
N ASN A 924 7.89 -20.90 6.31
CA ASN A 924 8.49 -21.50 5.14
C ASN A 924 9.72 -20.72 4.65
N GLY A 925 10.53 -20.32 5.63
CA GLY A 925 11.80 -19.64 5.34
C GLY A 925 11.71 -18.10 5.12
N PHE A 926 10.50 -17.58 4.91
CA PHE A 926 10.29 -16.13 4.77
C PHE A 926 10.12 -15.50 6.12
N GLN A 927 10.87 -14.43 6.39
CA GLN A 927 10.66 -13.75 7.68
C GLN A 927 9.44 -12.84 7.48
N TYR A 928 8.46 -13.02 8.39
CA TYR A 928 7.17 -12.35 8.26
C TYR A 928 6.80 -11.68 9.58
N GLY A 929 7.79 -11.26 10.39
CA GLY A 929 7.43 -10.50 11.57
C GLY A 929 8.64 -10.23 12.44
N LYS A 930 8.74 -8.96 12.87
CA LYS A 930 9.65 -8.58 13.94
C LYS A 930 8.76 -8.08 15.04
N TYR A 931 8.79 -8.79 16.18
CA TYR A 931 7.94 -8.50 17.33
C TYR A 931 8.79 -7.97 18.40
N VAL A 932 8.39 -6.81 18.96
CA VAL A 932 9.22 -6.16 20.00
C VAL A 932 8.33 -5.94 21.22
N SER A 933 8.48 -6.81 22.19
CA SER A 933 7.42 -6.92 23.26
C SER A 933 7.30 -5.64 24.06
N ASN A 934 8.42 -4.91 24.20
CA ASN A 934 8.41 -3.68 25.01
C ASN A 934 8.23 -2.38 24.25
N ILE A 935 7.95 -2.49 22.93
CA ILE A 935 7.84 -1.29 22.13
C ILE A 935 6.51 -1.29 21.30
N GLY A 936 6.21 -2.42 20.63
CA GLY A 936 4.94 -2.55 19.89
C GLY A 936 4.90 -1.68 18.61
N PRO A 937 3.69 -1.53 17.98
CA PRO A 937 2.40 -1.94 18.52
C PRO A 937 1.96 -3.30 18.02
N GLN A 938 2.73 -3.90 17.11
CA GLN A 938 2.14 -5.05 16.41
C GLN A 938 2.16 -6.34 17.20
N THR A 939 0.98 -6.97 17.31
CA THR A 939 0.84 -8.29 17.91
C THR A 939 0.31 -9.32 16.97
N GLU A 940 -0.33 -8.89 15.84
CA GLU A 940 -0.97 -9.83 14.89
C GLU A 940 -0.25 -9.70 13.57
N PHE A 941 0.26 -10.83 13.07
CA PHE A 941 1.14 -10.86 11.91
C PHE A 941 0.51 -11.68 10.82
N PRO A 942 -0.16 -11.00 9.86
CA PRO A 942 -0.75 -11.76 8.77
C PRO A 942 0.33 -12.34 7.82
N VAL A 943 0.04 -13.52 7.27
CA VAL A 943 0.96 -14.12 6.27
C VAL A 943 0.05 -14.61 5.19
N PRO A 944 0.38 -14.30 3.93
CA PRO A 944 -0.59 -14.65 2.88
C PRO A 944 -0.56 -16.11 2.47
N GLU A 945 -1.72 -16.58 2.05
CA GLU A 945 -1.78 -17.86 1.29
C GLU A 945 -0.83 -17.73 0.14
N GLY A 946 -0.07 -18.79 -0.16
CA GLY A 946 0.98 -18.75 -1.20
C GLY A 946 2.33 -18.82 -0.50
N ILE A 947 2.53 -17.99 0.50
CA ILE A 947 3.67 -18.18 1.45
C ILE A 947 3.27 -19.34 2.38
N LEU A 948 2.06 -19.28 2.98
CA LEU A 948 1.53 -20.46 3.61
C LEU A 948 0.95 -21.44 2.59
N ASP A 949 1.12 -22.74 2.88
CA ASP A 949 0.54 -23.79 2.06
C ASP A 949 -0.72 -24.26 2.84
N TYR A 950 -1.89 -24.03 2.24
CA TYR A 950 -3.14 -24.35 2.93
C TYR A 950 -3.52 -25.82 2.77
N ASN A 951 -2.75 -26.60 2.02
CA ASN A 951 -3.03 -28.04 1.91
C ASN A 951 -1.72 -28.81 1.90
N GLY A 952 -0.97 -28.65 3.00
CA GLY A 952 0.37 -29.21 3.04
C GLY A 952 1.07 -28.85 4.31
N ASP A 953 2.35 -29.25 4.38
CA ASP A 953 3.13 -29.01 5.56
C ASP A 953 3.76 -27.62 5.49
N ASN A 954 3.74 -26.90 6.59
CA ASN A 954 4.44 -25.58 6.68
C ASN A 954 5.45 -25.72 7.74
N TRP A 955 6.51 -24.92 7.66
CA TRP A 955 7.44 -24.84 8.77
C TRP A 955 7.35 -23.42 9.32
N ILE A 956 7.12 -23.31 10.69
N ILE A 956 7.14 -23.30 10.68
CA ILE A 956 7.04 -22.04 11.43
CA ILE A 956 7.06 -21.98 11.35
C ILE A 956 8.27 -21.94 12.13
C ILE A 956 8.16 -21.90 12.25
N GLY A 957 8.80 -20.69 12.35
CA GLY A 957 9.98 -20.38 13.17
C GLY A 957 9.71 -19.22 14.04
N VAL A 958 10.16 -19.31 15.30
CA VAL A 958 10.12 -18.22 16.18
C VAL A 958 11.51 -18.08 16.81
N ALA A 959 12.18 -16.95 16.57
CA ALA A 959 13.38 -16.64 17.32
C ALA A 959 12.98 -15.86 18.57
N LEU A 960 13.60 -16.15 19.70
CA LEU A 960 13.28 -15.51 20.95
C LEU A 960 14.57 -14.92 21.54
N TRP A 961 14.65 -13.59 21.63
CA TRP A 961 15.81 -12.91 22.15
C TRP A 961 15.39 -12.29 23.48
N ALA A 962 15.83 -12.91 24.57
CA ALA A 962 15.53 -12.41 25.92
C ALA A 962 16.57 -11.34 26.29
N LEU A 963 16.10 -10.14 26.68
CA LEU A 963 17.01 -9.01 26.80
C LEU A 963 17.56 -8.87 28.20
N GLU A 964 16.87 -9.46 29.16
CA GLU A 964 17.25 -9.29 30.54
C GLU A 964 17.66 -10.62 31.19
N SER A 965 18.34 -10.50 32.34
CA SER A 965 18.98 -11.69 32.88
C SER A 965 18.07 -12.78 33.39
N ARG A 966 16.83 -12.41 33.64
CA ARG A 966 15.80 -13.32 34.11
C ARG A 966 15.15 -14.10 32.90
N GLY A 967 15.55 -13.78 31.67
CA GLY A 967 15.05 -14.55 30.49
C GLY A 967 13.72 -13.99 30.01
N ALA A 968 13.04 -14.81 29.23
CA ALA A 968 11.76 -14.39 28.63
C ALA A 968 11.07 -15.58 28.06
N LYS A 969 9.76 -15.41 27.77
CA LYS A 969 8.99 -16.42 27.08
C LYS A 969 7.87 -15.73 26.30
N VAL A 970 7.33 -16.45 25.30
CA VAL A 970 6.13 -15.94 24.57
C VAL A 970 4.90 -16.30 25.44
N PRO A 971 4.11 -15.31 25.86
CA PRO A 971 3.01 -15.64 26.86
C PRO A 971 1.90 -16.44 26.20
N GLY A 972 1.72 -16.19 24.88
CA GLY A 972 0.74 -16.89 24.14
C GLY A 972 1.04 -16.65 22.64
N LEU A 973 0.77 -17.63 21.84
CA LEU A 973 0.97 -17.56 20.37
C LEU A 973 -0.11 -18.44 19.70
N ALA A 974 -0.92 -17.84 18.84
CA ALA A 974 -2.03 -18.56 18.24
C ALA A 974 -2.17 -18.17 16.78
N LEU A 975 -2.70 -19.08 16.00
CA LEU A 975 -3.12 -18.82 14.64
C LEU A 975 -4.53 -18.29 14.70
N LYS A 976 -4.79 -17.20 13.99
CA LYS A 976 -6.15 -16.61 13.94
C LYS A 976 -6.61 -16.61 12.48
N SER A 977 -7.89 -16.90 12.24
CA SER A 977 -8.49 -16.86 10.89
C SER A 977 -9.53 -15.76 10.89
N LYS A 978 -9.73 -15.12 9.73
CA LYS A 978 -10.84 -14.18 9.58
C LYS A 978 -11.99 -15.00 9.00
N SER A 979 -13.17 -14.41 9.01
CA SER A 979 -14.35 -15.08 8.47
C SER A 979 -14.12 -15.51 6.99
N PRO A 980 -14.38 -16.77 6.67
CA PRO A 980 -14.06 -17.27 5.34
C PRO A 980 -14.90 -16.61 4.25
N ILE A 981 -14.25 -16.30 3.12
CA ILE A 981 -14.95 -15.63 2.02
C ILE A 981 -15.06 -16.63 0.88
N LEU A 982 -16.31 -16.95 0.48
CA LEU A 982 -16.54 -17.84 -0.66
C LEU A 982 -16.06 -17.08 -1.92
N THR A 983 -15.09 -17.69 -2.65
CA THR A 983 -14.32 -16.88 -3.59
C THR A 983 -14.38 -17.36 -5.03
N GLY A 984 -14.38 -16.38 -5.94
CA GLY A 984 -14.30 -16.65 -7.39
C GLY A 984 -12.96 -16.16 -7.94
N ARG A 985 -11.98 -15.95 -7.05
CA ARG A 985 -10.61 -15.59 -7.48
C ARG A 985 -9.94 -16.70 -8.33
N GLU A 986 -8.85 -16.32 -9.01
CA GLU A 986 -7.98 -17.37 -9.58
C GLU A 986 -7.17 -18.01 -8.46
N ARG A 987 -6.89 -19.31 -8.59
CA ARG A 987 -6.25 -20.06 -7.56
C ARG A 987 -4.88 -19.54 -7.21
N VAL A 988 -4.57 -19.64 -5.94
CA VAL A 988 -3.27 -19.20 -5.42
C VAL A 988 -2.30 -20.36 -5.45
N GLU A 989 -1.19 -20.15 -6.15
CA GLU A 989 -0.14 -21.18 -6.21
C GLU A 989 0.81 -20.99 -5.04
N VAL A 990 1.22 -22.09 -4.42
CA VAL A 990 2.19 -22.07 -3.31
C VAL A 990 3.55 -21.68 -3.83
N VAL A 991 4.18 -20.73 -3.14
CA VAL A 991 5.49 -20.24 -3.56
C VAL A 991 6.49 -21.27 -3.06
N LYS A 992 7.31 -21.75 -3.97
CA LYS A 992 8.22 -22.90 -3.73
C LYS A 992 9.59 -22.47 -3.28
N GLY A 993 9.67 -21.91 -2.06
CA GLY A 993 10.99 -21.53 -1.49
C GLY A 993 11.82 -22.80 -1.23
N PRO A 994 13.11 -22.72 -1.52
CA PRO A 994 13.99 -23.87 -1.23
C PRO A 994 14.04 -24.28 0.22
N HIS A 995 14.16 -25.59 0.44
CA HIS A 995 14.26 -26.16 1.75
C HIS A 995 15.67 -26.02 2.28
N PHE A 996 15.81 -26.26 3.57
CA PHE A 996 17.14 -26.30 4.15
C PHE A 996 18.08 -27.23 3.41
N LYS A 997 19.28 -26.76 3.17
CA LYS A 997 20.36 -27.59 2.73
C LYS A 997 21.57 -27.11 3.52
N LYS A 998 22.41 -28.04 3.97
CA LYS A 998 23.56 -27.67 4.75
C LYS A 998 24.41 -26.68 3.98
N ARG A 999 24.80 -25.60 4.63
CA ARG A 999 25.52 -24.51 3.97
C ARG A 999 27.04 -24.65 4.11
N HIS A 1000 27.74 -24.66 3.01
CA HIS A 1000 29.19 -24.79 3.12
C HIS A 1000 29.79 -23.47 3.54
N GLY A 1001 30.76 -23.52 4.45
CA GLY A 1001 31.39 -22.34 4.96
C GLY A 1001 30.58 -21.59 5.97
N ALA A 1002 29.49 -22.18 6.49
CA ALA A 1002 28.71 -21.51 7.49
C ALA A 1002 29.44 -21.42 8.83
N TYR A 1003 29.00 -20.49 9.65
CA TYR A 1003 29.53 -20.30 11.00
C TYR A 1003 28.45 -19.68 11.83
C1 NAG B . -18.64 -8.44 4.69
C2 NAG B . -18.27 -8.09 6.16
C3 NAG B . -18.92 -6.77 6.57
C4 NAG B . -18.59 -5.69 5.51
C5 NAG B . -18.89 -6.21 4.12
C6 NAG B . -18.43 -5.25 3.06
C7 NAG B . -17.91 -10.14 7.45
C8 NAG B . -18.44 -11.12 8.46
N2 NAG B . -18.70 -9.13 7.09
O3 NAG B . -18.37 -6.34 7.82
O4 NAG B . -19.45 -4.57 5.76
O5 NAG B . -18.14 -7.42 3.95
O6 NAG B . -18.97 -5.65 1.76
O7 NAG B . -16.79 -10.32 6.98
C1 NAG B . -18.82 -3.39 6.26
C2 NAG B . -19.79 -2.21 6.05
C3 NAG B . -19.14 -0.97 6.64
C4 NAG B . -18.81 -1.26 8.13
C5 NAG B . -17.88 -2.48 8.23
C6 NAG B . -17.53 -2.87 9.67
C7 NAG B . -20.98 -2.54 3.92
C8 NAG B . -20.95 -2.31 2.45
N2 NAG B . -19.95 -2.04 4.63
O3 NAG B . -20.07 0.07 6.50
O4 NAG B . -18.10 -0.13 8.61
O5 NAG B . -18.58 -3.61 7.64
O6 NAG B . -18.76 -3.08 10.38
O7 NAG B . -21.92 -3.14 4.44
C1 BMA B . -18.51 0.33 9.88
C2 BMA B . -17.58 1.47 10.29
C3 BMA B . -18.06 2.04 11.65
C4 BMA B . -19.56 2.36 11.56
C5 BMA B . -20.37 1.13 11.05
C6 BMA B . -21.87 1.36 10.86
O2 BMA B . -17.59 2.53 9.28
O3 BMA B . -17.39 3.29 11.77
O4 BMA B . -19.98 2.65 12.92
O5 BMA B . -19.88 0.79 9.74
O6 BMA B . -22.12 2.65 10.27
C1 MAN B . -22.38 2.53 8.85
C2 MAN B . -22.31 4.00 8.35
C3 MAN B . -23.48 4.73 8.93
C4 MAN B . -24.81 4.02 8.64
C5 MAN B . -24.74 2.57 9.14
C6 MAN B . -26.06 1.84 8.71
O2 MAN B . -22.42 3.94 6.91
O3 MAN B . -23.48 6.06 8.37
O4 MAN B . -25.87 4.72 9.29
O5 MAN B . -23.61 1.93 8.52
O6 MAN B . -26.02 0.57 9.28
C1 MAN B . -23.75 7.11 9.31
C2 MAN B . -23.93 8.37 8.43
C3 MAN B . -22.60 8.71 7.78
C4 MAN B . -21.51 8.88 8.82
C5 MAN B . -21.41 7.56 9.64
C6 MAN B . -20.39 7.73 10.77
O2 MAN B . -24.33 9.46 9.27
O3 MAN B . -22.73 9.89 6.95
O4 MAN B . -20.29 9.11 8.17
O5 MAN B . -22.71 7.26 10.21
O6 MAN B . -20.18 6.45 11.30
C1 MAN B . -25.78 9.52 9.17
C2 MAN B . -26.13 10.96 9.29
C3 MAN B . -25.76 11.41 10.68
C4 MAN B . -26.39 10.50 11.73
C5 MAN B . -26.07 9.04 11.48
C6 MAN B . -26.89 8.17 12.43
O2 MAN B . -27.52 11.04 9.16
O3 MAN B . -26.33 12.69 10.81
O4 MAN B . -25.91 10.87 13.00
O5 MAN B . -26.47 8.74 10.15
O6 MAN B . -25.90 7.31 12.97
C1 MAN B . -16.70 3.48 12.98
C2 MAN B . -16.49 5.00 13.15
C3 MAN B . -15.65 5.55 11.94
C4 MAN B . -14.29 4.83 11.84
C5 MAN B . -14.49 3.30 11.89
C6 MAN B . -13.09 2.67 12.19
O2 MAN B . -15.84 5.31 14.36
O3 MAN B . -15.38 6.94 12.09
O4 MAN B . -13.73 5.13 10.54
O5 MAN B . -15.41 2.92 12.94
O6 MAN B . -13.24 1.28 11.99
C1 NAG C . 3.02 -4.64 25.31
C2 NAG C . 3.27 -3.65 24.14
C3 NAG C . 4.23 -2.57 24.60
C4 NAG C . 3.72 -1.85 25.87
C5 NAG C . 3.33 -2.90 26.89
C6 NAG C . 2.53 -2.28 28.08
C7 NAG C . 3.29 -4.69 21.95
C8 NAG C . 3.91 -5.68 20.99
N2 NAG C . 3.89 -4.43 23.09
O3 NAG C . 4.37 -1.62 23.54
O4 NAG C . 4.73 -1.02 26.45
O5 NAG C . 2.46 -3.85 26.35
O6 NAG C . 2.29 -3.29 29.05
O7 NAG C . 2.20 -4.11 21.71
C1 NAG C . 4.62 0.36 26.27
C2 NAG C . 5.56 1.02 27.27
C3 NAG C . 5.55 2.52 27.08
C4 NAG C . 5.83 2.87 25.63
C5 NAG C . 4.84 2.12 24.72
C6 NAG C . 5.00 2.40 23.19
C7 NAG C . 5.50 -0.07 29.49
C8 NAG C . 4.79 -0.15 30.83
N2 NAG C . 5.00 0.78 28.61
O3 NAG C . 6.59 3.06 27.83
O4 NAG C . 5.55 4.25 25.51
O5 NAG C . 4.98 0.75 24.96
O6 NAG C . 6.31 1.95 22.74
O7 NAG C . 6.48 -0.77 29.28
C1 BMA C . 6.56 5.02 24.87
C2 BMA C . 5.99 6.42 24.65
C3 BMA C . 7.07 7.23 23.92
C4 BMA C . 8.46 7.16 24.62
C5 BMA C . 8.83 5.69 24.99
C6 BMA C . 10.02 5.59 25.93
O2 BMA C . 5.76 7.07 25.89
O3 BMA C . 6.73 8.64 23.78
O4 BMA C . 9.45 7.65 23.66
O5 BMA C . 7.75 5.07 25.65
O6 BMA C . 9.69 6.41 27.11
C1 MAN C . 5.83 8.93 22.72
C2 MAN C . 6.16 10.34 22.28
C3 MAN C . 5.66 11.26 23.40
C4 MAN C . 4.20 10.99 23.74
C5 MAN C . 3.78 9.56 23.98
C6 MAN C . 2.34 9.51 23.43
O2 MAN C . 5.36 10.71 21.16
O3 MAN C . 5.89 12.63 23.05
O4 MAN C . 3.86 11.62 24.97
O5 MAN C . 4.47 8.66 23.13
O6 MAN C . 1.81 8.39 23.91
C1 MAN C . 5.86 10.32 19.89
C2 MAN C . 5.50 11.39 18.87
C3 MAN C . 3.99 11.46 18.85
C4 MAN C . 3.39 10.12 18.43
C5 MAN C . 3.82 9.04 19.41
C6 MAN C . 3.46 7.59 19.02
O2 MAN C . 6.01 10.96 17.63
O3 MAN C . 3.67 12.52 17.97
O4 MAN C . 1.96 10.17 18.48
O5 MAN C . 5.25 9.08 19.55
O6 MAN C . 3.92 7.25 17.71
C1 MAN C . 7.38 11.36 17.27
C2 MAN C . 7.61 11.07 15.77
C3 MAN C . 7.63 9.56 15.41
C4 MAN C . 8.56 8.79 16.31
C5 MAN C . 8.23 9.19 17.79
C6 MAN C . 9.32 8.59 18.69
O2 MAN C . 8.87 11.65 15.37
O3 MAN C . 8.09 9.29 14.07
O4 MAN C . 8.29 7.41 16.16
O5 MAN C . 8.36 10.60 18.00
O6 MAN C . 8.91 8.76 20.08
C1 GLC C . 7.15 9.15 12.98
C2 GLC C . 7.82 9.82 11.79
C3 GLC C . 7.49 11.22 11.44
C4 GLC C . 5.98 11.16 11.35
C5 GLC C . 5.42 10.88 12.74
C6 GLC C . 3.89 10.95 12.78
O2 GLC C . 9.23 9.69 12.01
O3 GLC C . 8.08 11.23 10.12
O4 GLC C . 5.42 12.36 11.00
O5 GLC C . 5.88 9.60 13.19
O6 GLC C . 3.51 10.82 14.18
C1 MAN C . 10.88 6.41 27.98
C2 MAN C . 10.38 7.10 29.26
C3 MAN C . 10.06 8.57 28.95
C4 MAN C . 11.21 9.27 28.28
C5 MAN C . 11.56 8.50 27.03
C6 MAN C . 12.55 9.37 26.21
O2 MAN C . 11.41 7.08 30.24
O3 MAN C . 9.90 9.42 30.12
O4 MAN C . 10.79 10.58 27.91
O5 MAN C . 11.96 7.17 27.45
O6 MAN C . 13.80 9.37 26.87
C1 MAN C . 8.53 9.84 30.28
C2 MAN C . 8.49 10.85 31.42
C3 MAN C . 8.78 10.20 32.78
C4 MAN C . 8.05 8.84 33.02
C5 MAN C . 8.10 7.94 31.75
C6 MAN C . 7.29 6.61 31.87
O2 MAN C . 7.15 11.21 31.45
O3 MAN C . 8.35 11.12 33.75
O4 MAN C . 8.57 8.17 34.17
O5 MAN C . 7.68 8.75 30.62
O6 MAN C . 7.95 5.47 31.29
C1 MAN C . 14.85 10.08 26.13
C2 MAN C . 16.14 9.85 26.92
C3 MAN C . 15.94 10.50 28.30
C4 MAN C . 15.67 12.01 28.15
C5 MAN C . 14.63 12.35 27.04
C6 MAN C . 14.72 13.80 26.57
O2 MAN C . 17.26 10.50 26.30
O3 MAN C . 17.08 10.21 29.07
O4 MAN C . 15.12 12.48 29.36
O5 MAN C . 14.64 11.50 25.89
O6 MAN C . 13.37 14.22 26.60
C1 NAG D . -14.59 23.35 12.67
C2 NAG D . -14.29 24.16 13.84
C3 NAG D . -13.68 23.13 14.81
C4 NAG D . -14.57 21.87 15.12
C5 NAG D . -14.84 21.19 13.81
C6 NAG D . -15.55 19.83 13.91
C7 NAG D . -13.39 26.48 13.30
C8 NAG D . -12.10 27.17 12.95
N2 NAG D . -13.29 25.16 13.48
O3 NAG D . -13.38 23.92 15.92
O4 NAG D . -13.93 20.87 15.86
O5 NAG D . -15.44 22.24 13.02
O6 NAG D . -16.93 19.84 14.26
O7 NAG D . -14.41 27.17 13.39
C1 NAG D . -14.10 20.95 17.29
C2 NAG D . -13.78 19.57 17.92
C3 NAG D . -14.07 19.76 19.40
C4 NAG D . -13.19 20.89 19.96
C5 NAG D . -13.46 22.19 19.20
C6 NAG D . -12.55 23.31 19.70
C7 NAG D . -13.94 17.41 16.55
C8 NAG D . -14.79 16.24 16.07
N2 NAG D . -14.47 18.39 17.37
O3 NAG D . -13.81 18.56 20.11
O4 NAG D . -13.47 21.07 21.35
O5 NAG D . -13.25 21.97 17.81
O6 NAG D . -11.27 23.15 19.11
O7 NAG D . -12.75 17.42 16.21
C1 GAL E . 5.44 10.48 0.14
C2 GAL E . 6.59 9.60 -0.49
C3 GAL E . 6.23 8.14 -0.43
C4 GAL E . 5.88 7.74 1.02
C5 GAL E . 4.79 8.66 1.52
C6 GAL E . 4.43 8.48 3.00
O1 GAL E . 5.87 11.81 0.43
O2 GAL E . 6.72 9.99 -1.86
O3 GAL E . 7.33 7.36 -0.87
O4 GAL E . 7.06 7.92 1.78
O5 GAL E . 5.24 10.04 1.45
O6 GAL E . 3.89 7.17 3.18
C1 NAG F . 36.05 3.27 -1.06
C2 NAG F . 36.40 1.79 -0.77
C3 NAG F . 37.37 1.19 -1.79
C4 NAG F . 36.77 1.35 -3.18
C5 NAG F . 36.43 2.83 -3.42
C6 NAG F . 35.63 3.03 -4.70
C7 NAG F . 36.17 1.38 1.63
C8 NAG F . 36.91 1.38 2.95
N2 NAG F . 36.93 1.69 0.56
O3 NAG F . 37.42 -0.17 -1.47
O4 NAG F . 37.64 0.85 -4.22
O5 NAG F . 35.65 3.50 -2.40
O6 NAG F . 36.07 4.34 -4.98
O7 NAG F . 34.92 1.14 1.58
C1 NAG G . 26.66 9.35 22.65
C2 NAG G . 25.54 10.24 22.08
C3 NAG G . 26.11 11.19 21.06
C4 NAG G . 27.29 11.99 21.65
C5 NAG G . 28.30 11.02 22.26
C6 NAG G . 29.46 11.74 22.89
C7 NAG G . 23.34 9.13 22.00
C8 NAG G . 22.38 8.22 21.30
N2 NAG G . 24.54 9.38 21.43
O3 NAG G . 25.06 12.07 20.72
O4 NAG G . 27.97 12.71 20.63
O5 NAG G . 27.73 10.15 23.22
O6 NAG G . 30.36 10.66 23.14
O7 NAG G . 22.97 9.60 23.10
#